data_8AFD
#
_entry.id   8AFD
#
_cell.length_a   94.891
_cell.length_b   98.614
_cell.length_c   148.116
_cell.angle_alpha   90.000
_cell.angle_beta   90.000
_cell.angle_gamma   90.000
#
_symmetry.space_group_name_H-M   'C 2 2 21'
#
loop_
_entity.id
_entity.type
_entity.pdbx_description
1 polymer 'GTPase KRas'
2 non-polymer "GUANOSINE-5'-DIPHOSPHATE"
3 non-polymer 1H-benzimidazol-2-ylmethanethiol
4 non-polymer 'MAGNESIUM ION'
5 non-polymer (4~{S})-4-[3-(4-aminophenyl)-1,2,4-oxadiazol-5-yl]-2-azanyl-4-methyl-6,7-dihydro-5~{H}-1-benzothiophene-3-carbonitrile
6 water water
#
_entity_poly.entity_id   1
_entity_poly.type   'polypeptide(L)'
_entity_poly.pdbx_seq_one_letter_code
;GMTEYKLVVVGAVGVGKSALTIQLIQNHFVDEYDPTIEDCYRKQVVIDGETCLLDILDTAGQEEYSAMRDQYMRTGEGFL
CVFAINNTKSFEDIHHYREQIKRVKDSEDVPMVLVGNKSDLPSRTVDTKQAQDLARSYGIPFIETSAKTRQGVDDAFYTL
VREIRKHKEK
;
_entity_poly.pdbx_strand_id   A,B,C,D
#
loop_
_chem_comp.id
_chem_comp.type
_chem_comp.name
_chem_comp.formula
2XO non-polymer 1H-benzimidazol-2-ylmethanethiol 'C8 H8 N2 S'
GDP RNA linking GUANOSINE-5'-DIPHOSPHATE 'C10 H15 N5 O11 P2'
LXU non-polymer (4~{S})-4-[3-(4-aminophenyl)-1,2,4-oxadiazol-5-yl]-2-azanyl-4-methyl-6,7-dihydro-5~{H}-1-benzothiophene-3-carbonitrile 'C18 H17 N5 O S'
MG non-polymer 'MAGNESIUM ION' 'Mg 2'
#
# COMPACT_ATOMS: atom_id res chain seq x y z
N GLY A 1 0.85 1.90 -20.89
CA GLY A 1 0.27 1.20 -19.75
C GLY A 1 0.83 -0.20 -19.58
N MET A 2 1.54 -0.47 -18.44
CA MET A 2 2.15 -1.78 -18.21
C MET A 2 1.10 -2.89 -18.15
N THR A 3 1.25 -3.91 -19.01
CA THR A 3 0.34 -5.03 -19.07
C THR A 3 0.58 -5.95 -17.87
N GLU A 4 -0.52 -6.45 -17.32
CA GLU A 4 -0.51 -7.41 -16.21
C GLU A 4 -0.94 -8.76 -16.78
N TYR A 5 -0.25 -9.85 -16.36
CA TYR A 5 -0.53 -11.22 -16.79
C TYR A 5 -0.98 -12.03 -15.59
N LYS A 6 -2.21 -12.50 -15.60
CA LYS A 6 -2.74 -13.30 -14.49
C LYS A 6 -2.46 -14.79 -14.78
N LEU A 7 -1.50 -15.39 -14.05
CA LEU A 7 -1.11 -16.80 -14.23
C LEU A 7 -1.65 -17.61 -13.04
N VAL A 8 -2.11 -18.84 -13.29
CA VAL A 8 -2.64 -19.68 -12.21
C VAL A 8 -1.84 -20.97 -12.25
N VAL A 9 -1.19 -21.33 -11.14
CA VAL A 9 -0.39 -22.55 -11.05
C VAL A 9 -1.33 -23.63 -10.47
N VAL A 10 -1.56 -24.72 -11.23
CA VAL A 10 -2.45 -25.83 -10.82
C VAL A 10 -1.71 -27.18 -10.89
N GLY A 11 -2.27 -28.18 -10.23
CA GLY A 11 -1.69 -29.52 -10.16
C GLY A 11 -2.00 -30.20 -8.82
N ALA A 12 -1.75 -31.50 -8.74
CA ALA A 12 -2.02 -32.28 -7.53
C ALA A 12 -1.21 -31.74 -6.32
N VAL A 13 -1.72 -31.99 -5.10
CA VAL A 13 -1.03 -31.55 -3.89
C VAL A 13 0.34 -32.28 -3.79
N GLY A 14 1.41 -31.54 -3.50
CA GLY A 14 2.76 -32.11 -3.34
C GLY A 14 3.63 -32.08 -4.58
N VAL A 15 3.09 -31.63 -5.75
CA VAL A 15 3.92 -31.62 -6.99
C VAL A 15 5.00 -30.54 -7.02
N GLY A 16 4.87 -29.50 -6.19
CA GLY A 16 5.83 -28.40 -6.09
C GLY A 16 5.35 -27.09 -6.64
N LYS A 17 4.02 -26.85 -6.64
CA LYS A 17 3.48 -25.57 -7.14
C LYS A 17 4.01 -24.38 -6.29
N SER A 18 3.97 -24.53 -4.95
CA SER A 18 4.43 -23.47 -4.07
C SER A 18 5.94 -23.24 -4.20
N ALA A 19 6.72 -24.33 -4.27
CA ALA A 19 8.19 -24.25 -4.41
C ALA A 19 8.56 -23.59 -5.72
N LEU A 20 7.86 -23.97 -6.81
CA LEU A 20 8.11 -23.32 -8.11
C LEU A 20 7.83 -21.80 -8.09
N THR A 21 6.73 -21.39 -7.49
CA THR A 21 6.36 -19.96 -7.45
C THR A 21 7.32 -19.17 -6.55
N ILE A 22 7.64 -19.69 -5.36
CA ILE A 22 8.59 -19.01 -4.47
C ILE A 22 9.98 -18.95 -5.12
N GLN A 23 10.38 -19.97 -5.88
CA GLN A 23 11.67 -19.94 -6.59
C GLN A 23 11.69 -18.80 -7.61
N LEU A 24 10.60 -18.64 -8.37
CA LEU A 24 10.50 -17.54 -9.33
C LEU A 24 10.53 -16.16 -8.66
N ILE A 25 9.74 -15.96 -7.59
CA ILE A 25 9.61 -14.65 -6.95
C ILE A 25 10.79 -14.30 -6.05
N GLN A 26 11.18 -15.22 -5.18
CA GLN A 26 12.19 -14.96 -4.16
C GLN A 26 13.55 -15.60 -4.40
N ASN A 27 13.74 -16.38 -5.48
CA ASN A 27 15.04 -16.99 -5.80
C ASN A 27 15.63 -17.87 -4.67
N HIS A 28 14.80 -18.71 -4.06
CA HIS A 28 15.26 -19.66 -3.04
C HIS A 28 14.29 -20.86 -2.93
N PHE A 29 14.82 -22.03 -2.53
CA PHE A 29 14.04 -23.26 -2.43
C PHE A 29 13.50 -23.44 -1.04
N VAL A 30 12.17 -23.34 -0.89
CA VAL A 30 11.53 -23.51 0.40
C VAL A 30 11.10 -24.97 0.51
N ASP A 31 11.73 -25.70 1.43
CA ASP A 31 11.46 -27.12 1.65
C ASP A 31 10.06 -27.38 2.22
N GLU A 32 9.68 -26.67 3.33
CA GLU A 32 8.40 -26.83 4.02
C GLU A 32 7.57 -25.59 3.81
N TYR A 33 6.43 -25.73 3.11
CA TYR A 33 5.49 -24.63 2.89
C TYR A 33 4.12 -25.26 2.95
N ASP A 34 3.32 -24.90 3.98
CA ASP A 34 2.00 -25.46 4.30
C ASP A 34 1.20 -25.86 3.03
N PRO A 35 0.87 -27.15 2.85
CA PRO A 35 0.15 -27.54 1.63
C PRO A 35 -1.24 -26.94 1.42
N THR A 36 -1.88 -26.40 2.47
CA THR A 36 -3.24 -25.87 2.38
C THR A 36 -3.32 -24.38 2.09
N ILE A 37 -2.23 -23.64 2.25
CA ILE A 37 -2.22 -22.18 2.04
C ILE A 37 -2.19 -21.82 0.56
N GLU A 38 -3.16 -21.04 0.10
CA GLU A 38 -3.22 -20.55 -1.27
C GLU A 38 -2.81 -19.04 -1.19
N ASP A 39 -1.92 -18.53 -2.06
CA ASP A 39 -1.50 -17.13 -2.02
C ASP A 39 -1.22 -16.58 -3.43
N CYS A 40 -1.16 -15.26 -3.55
CA CYS A 40 -0.89 -14.54 -4.78
C CYS A 40 0.49 -13.87 -4.67
N TYR A 41 1.19 -13.80 -5.79
CA TYR A 41 2.50 -13.16 -5.85
C TYR A 41 2.56 -12.26 -7.07
N ARG A 42 3.41 -11.23 -6.99
CA ARG A 42 3.61 -10.34 -8.10
C ARG A 42 5.08 -10.12 -8.33
N LYS A 43 5.42 -9.97 -9.60
CA LYS A 43 6.79 -9.73 -10.00
C LYS A 43 6.76 -8.95 -11.28
N GLN A 44 7.50 -7.84 -11.32
CA GLN A 44 7.65 -7.04 -12.53
C GLN A 44 8.86 -7.61 -13.24
N VAL A 45 8.71 -7.91 -14.52
CA VAL A 45 9.77 -8.56 -15.31
C VAL A 45 9.79 -7.96 -16.72
N VAL A 46 10.91 -8.14 -17.43
CA VAL A 46 11.05 -7.76 -18.83
C VAL A 46 11.09 -9.10 -19.60
N ILE A 47 10.20 -9.26 -20.58
CA ILE A 47 10.13 -10.45 -21.40
C ILE A 47 10.12 -9.98 -22.83
N ASP A 48 11.15 -10.36 -23.63
CA ASP A 48 11.30 -9.96 -25.02
C ASP A 48 11.22 -8.42 -25.17
N GLY A 49 12.00 -7.74 -24.34
CA GLY A 49 12.08 -6.29 -24.31
C GLY A 49 10.84 -5.53 -23.86
N GLU A 50 9.89 -6.22 -23.18
CA GLU A 50 8.66 -5.57 -22.74
C GLU A 50 8.50 -5.75 -21.24
N THR A 51 8.34 -4.63 -20.51
CA THR A 51 8.15 -4.69 -19.06
C THR A 51 6.69 -5.05 -18.82
N CYS A 52 6.46 -6.01 -17.95
CA CYS A 52 5.12 -6.45 -17.60
C CYS A 52 5.09 -6.90 -16.15
N LEU A 53 3.87 -7.04 -15.61
CA LEU A 53 3.69 -7.48 -14.24
C LEU A 53 3.04 -8.85 -14.27
N LEU A 54 3.66 -9.83 -13.59
CA LEU A 54 3.09 -11.17 -13.46
C LEU A 54 2.31 -11.15 -12.16
N ASP A 55 1.06 -11.63 -12.20
CA ASP A 55 0.20 -11.76 -11.03
C ASP A 55 -0.07 -13.26 -10.97
N ILE A 56 0.60 -13.97 -10.07
CA ILE A 56 0.55 -15.45 -9.99
C ILE A 56 -0.29 -15.95 -8.83
N LEU A 57 -1.28 -16.83 -9.09
CA LEU A 57 -2.07 -17.49 -8.04
C LEU A 57 -1.48 -18.90 -7.83
N ASP A 58 -0.94 -19.18 -6.63
CA ASP A 58 -0.37 -20.49 -6.28
C ASP A 58 -1.52 -21.27 -5.61
N THR A 59 -2.28 -22.08 -6.39
CA THR A 59 -3.48 -22.76 -5.86
C THR A 59 -3.19 -23.81 -4.80
N ALA A 60 -4.16 -24.01 -3.89
CA ALA A 60 -4.07 -24.96 -2.79
C ALA A 60 -5.49 -25.23 -2.20
N GLY A 61 -5.60 -26.27 -1.38
CA GLY A 61 -6.86 -26.62 -0.75
C GLY A 61 -7.65 -27.64 -1.53
N GLN A 62 -8.81 -27.97 -0.99
CA GLN A 62 -9.67 -28.99 -1.55
C GLN A 62 -10.26 -28.59 -2.88
N GLU A 63 -10.66 -29.61 -3.60
CA GLU A 63 -11.37 -29.55 -4.88
C GLU A 63 -12.75 -28.86 -4.59
N GLU A 64 -13.15 -27.84 -5.36
CA GLU A 64 -14.41 -27.13 -5.11
C GLU A 64 -14.94 -26.64 -6.43
N TYR A 65 -16.15 -27.10 -6.82
CA TYR A 65 -16.79 -26.69 -8.08
C TYR A 65 -17.95 -25.74 -7.82
N SER A 66 -17.68 -24.70 -7.05
CA SER A 66 -18.69 -23.70 -6.75
C SER A 66 -18.72 -22.66 -7.88
N ALA A 67 -19.85 -21.94 -8.05
CA ALA A 67 -19.91 -20.88 -9.08
C ALA A 67 -18.81 -19.83 -8.85
N MET A 68 -18.46 -19.62 -7.60
CA MET A 68 -17.52 -18.64 -7.17
C MET A 68 -16.09 -19.06 -7.46
N ARG A 69 -15.75 -20.32 -7.16
CA ARG A 69 -14.41 -20.82 -7.44
C ARG A 69 -14.18 -20.84 -8.97
N ASP A 70 -15.19 -21.28 -9.74
CA ASP A 70 -15.16 -21.24 -11.21
C ASP A 70 -14.94 -19.81 -11.72
N GLN A 71 -15.66 -18.82 -11.19
CA GLN A 71 -15.48 -17.42 -11.61
C GLN A 71 -14.10 -16.89 -11.26
N TYR A 72 -13.53 -17.30 -10.12
CA TYR A 72 -12.19 -16.85 -9.73
C TYR A 72 -11.12 -17.41 -10.67
N MET A 73 -11.20 -18.70 -11.01
CA MET A 73 -10.26 -19.32 -11.94
C MET A 73 -10.46 -18.79 -13.38
N ARG A 74 -11.70 -18.36 -13.72
CA ARG A 74 -12.02 -17.73 -15.01
C ARG A 74 -11.21 -16.41 -15.19
N THR A 75 -10.78 -15.77 -14.10
CA THR A 75 -9.95 -14.56 -14.16
C THR A 75 -8.52 -14.87 -14.62
N GLY A 76 -8.06 -16.12 -14.47
CA GLY A 76 -6.74 -16.50 -14.95
C GLY A 76 -6.65 -16.44 -16.47
N GLU A 77 -5.54 -15.89 -16.99
CA GLU A 77 -5.29 -15.78 -18.43
C GLU A 77 -4.45 -16.96 -18.97
N GLY A 78 -3.57 -17.51 -18.12
CA GLY A 78 -2.70 -18.63 -18.49
C GLY A 78 -2.51 -19.56 -17.32
N PHE A 79 -2.38 -20.88 -17.60
CA PHE A 79 -2.27 -21.88 -16.54
C PHE A 79 -1.02 -22.68 -16.67
N LEU A 80 -0.30 -22.85 -15.55
CA LEU A 80 0.86 -23.74 -15.48
C LEU A 80 0.28 -25.02 -14.90
N CYS A 81 0.22 -26.10 -15.70
CA CYS A 81 -0.29 -27.40 -15.23
C CYS A 81 0.88 -28.27 -14.82
N VAL A 82 1.10 -28.37 -13.50
CA VAL A 82 2.25 -29.05 -12.94
C VAL A 82 1.96 -30.48 -12.47
N PHE A 83 2.91 -31.39 -12.75
CA PHE A 83 2.91 -32.74 -12.16
C PHE A 83 4.39 -33.02 -11.68
N ALA A 84 4.58 -34.05 -10.85
CA ALA A 84 5.93 -34.44 -10.44
C ALA A 84 6.27 -35.67 -11.28
N ILE A 85 7.46 -35.64 -11.85
CA ILE A 85 7.99 -36.75 -12.66
C ILE A 85 8.14 -38.06 -11.86
N ASN A 86 8.13 -38.00 -10.51
CA ASN A 86 8.21 -39.22 -9.67
C ASN A 86 6.82 -39.66 -9.12
N ASN A 87 5.71 -39.14 -9.69
CA ASN A 87 4.37 -39.52 -9.25
C ASN A 87 3.47 -39.62 -10.47
N THR A 88 3.24 -40.85 -10.93
CA THR A 88 2.41 -41.11 -12.10
C THR A 88 0.99 -40.57 -11.99
N LYS A 89 0.37 -40.67 -10.81
CA LYS A 89 -1.00 -40.17 -10.67
C LYS A 89 -1.07 -38.65 -10.90
N SER A 90 -0.08 -37.88 -10.41
CA SER A 90 -0.07 -36.42 -10.65
C SER A 90 -0.07 -36.12 -12.17
N PHE A 91 0.61 -36.99 -12.96
CA PHE A 91 0.66 -36.85 -14.41
C PHE A 91 -0.72 -37.21 -15.00
N GLU A 92 -1.31 -38.34 -14.62
CA GLU A 92 -2.64 -38.70 -15.13
C GLU A 92 -3.68 -37.61 -14.74
N ASP A 93 -3.57 -37.00 -13.52
CA ASP A 93 -4.47 -35.93 -13.07
C ASP A 93 -4.48 -34.74 -14.04
N ILE A 94 -3.40 -34.53 -14.80
CA ILE A 94 -3.32 -33.37 -15.73
C ILE A 94 -4.56 -33.31 -16.67
N HIS A 95 -5.04 -34.49 -17.17
CA HIS A 95 -6.25 -34.58 -18.02
C HIS A 95 -7.44 -33.85 -17.32
N HIS A 96 -7.64 -34.09 -16.04
CA HIS A 96 -8.72 -33.46 -15.24
C HIS A 96 -8.53 -31.94 -15.13
N TYR A 97 -7.32 -31.46 -14.73
CA TYR A 97 -7.05 -30.03 -14.61
C TYR A 97 -7.28 -29.32 -15.95
N ARG A 98 -6.77 -29.85 -17.07
CA ARG A 98 -7.00 -29.24 -18.39
C ARG A 98 -8.51 -29.18 -18.72
N GLU A 99 -9.27 -30.28 -18.46
CA GLU A 99 -10.71 -30.26 -18.73
C GLU A 99 -11.43 -29.19 -17.88
N GLN A 100 -10.99 -28.99 -16.62
CA GLN A 100 -11.62 -27.96 -15.78
C GLN A 100 -11.32 -26.56 -16.30
N ILE A 101 -10.09 -26.34 -16.76
CA ILE A 101 -9.69 -25.05 -17.35
C ILE A 101 -10.53 -24.80 -18.61
N LYS A 102 -10.62 -25.80 -19.48
CA LYS A 102 -11.36 -25.75 -20.76
C LYS A 102 -12.82 -25.41 -20.50
N ARG A 103 -13.41 -26.00 -19.43
CA ARG A 103 -14.80 -25.80 -19.01
C ARG A 103 -15.08 -24.36 -18.56
N VAL A 104 -14.28 -23.81 -17.60
CA VAL A 104 -14.53 -22.48 -17.05
C VAL A 104 -14.15 -21.38 -18.03
N LYS A 105 -13.12 -21.58 -18.83
CA LYS A 105 -12.73 -20.60 -19.85
C LYS A 105 -13.57 -20.75 -21.15
N ASP A 106 -14.36 -21.83 -21.30
CA ASP A 106 -15.21 -22.08 -22.47
C ASP A 106 -14.39 -21.96 -23.76
N SER A 107 -13.21 -22.58 -23.78
CA SER A 107 -12.30 -22.47 -24.90
C SER A 107 -11.42 -23.71 -25.00
N GLU A 108 -11.07 -24.06 -26.24
CA GLU A 108 -10.20 -25.18 -26.56
C GLU A 108 -8.73 -24.75 -26.70
N ASP A 109 -8.45 -23.42 -26.81
CA ASP A 109 -7.11 -22.87 -27.02
C ASP A 109 -6.77 -21.89 -25.90
N VAL A 110 -6.83 -22.34 -24.64
CA VAL A 110 -6.50 -21.49 -23.48
C VAL A 110 -4.98 -21.50 -23.29
N PRO A 111 -4.30 -20.34 -23.10
CA PRO A 111 -2.83 -20.40 -22.86
C PRO A 111 -2.47 -21.32 -21.68
N MET A 112 -1.60 -22.28 -21.94
CA MET A 112 -1.27 -23.30 -20.96
C MET A 112 0.11 -23.89 -21.24
N VAL A 113 0.79 -24.31 -20.16
CA VAL A 113 2.09 -24.95 -20.27
C VAL A 113 2.09 -26.19 -19.34
N LEU A 114 2.56 -27.32 -19.87
CA LEU A 114 2.69 -28.54 -19.09
C LEU A 114 4.08 -28.47 -18.42
N VAL A 115 4.15 -28.74 -17.11
CA VAL A 115 5.40 -28.64 -16.36
C VAL A 115 5.66 -29.96 -15.61
N GLY A 116 6.78 -30.61 -15.88
CA GLY A 116 7.20 -31.82 -15.17
C GLY A 116 8.19 -31.42 -14.08
N ASN A 117 7.72 -31.27 -12.84
CA ASN A 117 8.57 -30.82 -11.74
C ASN A 117 9.34 -31.96 -11.01
N LYS A 118 10.40 -31.56 -10.32
CA LYS A 118 11.27 -32.46 -9.55
C LYS A 118 12.19 -33.19 -10.53
N SER A 119 12.59 -32.55 -11.68
CA SER A 119 13.51 -33.22 -12.60
C SER A 119 14.90 -33.47 -11.97
N ASP A 120 15.16 -32.94 -10.76
CA ASP A 120 16.37 -33.25 -10.04
C ASP A 120 16.36 -34.67 -9.47
N LEU A 121 15.17 -35.24 -9.18
CA LEU A 121 15.07 -36.56 -8.58
C LEU A 121 15.41 -37.72 -9.49
N PRO A 122 16.13 -38.72 -8.98
CA PRO A 122 16.45 -39.89 -9.81
C PRO A 122 15.30 -40.90 -9.93
N SER A 123 14.36 -40.94 -8.96
CA SER A 123 13.24 -41.89 -8.93
C SER A 123 12.11 -41.56 -9.93
N ARG A 124 12.47 -41.28 -11.18
CA ARG A 124 11.51 -40.95 -12.21
C ARG A 124 10.55 -42.11 -12.51
N THR A 125 9.26 -41.81 -12.62
CA THR A 125 8.24 -42.79 -13.04
C THR A 125 7.49 -42.35 -14.31
N VAL A 126 7.56 -41.04 -14.68
CA VAL A 126 6.93 -40.50 -15.89
C VAL A 126 8.05 -40.22 -16.89
N ASP A 127 7.99 -40.91 -18.04
CA ASP A 127 8.89 -40.81 -19.22
C ASP A 127 8.74 -39.42 -19.90
N THR A 128 9.87 -38.62 -20.16
CA THR A 128 9.81 -37.29 -20.83
C THR A 128 9.02 -37.42 -22.15
N LYS A 129 9.19 -38.54 -22.91
CA LYS A 129 8.50 -38.79 -24.20
C LYS A 129 6.97 -38.88 -24.04
N GLN A 130 6.55 -39.50 -22.97
CA GLN A 130 5.14 -39.64 -22.63
C GLN A 130 4.54 -38.23 -22.34
N ALA A 131 5.25 -37.41 -21.57
CA ALA A 131 4.81 -36.04 -21.29
C ALA A 131 4.81 -35.16 -22.56
N GLN A 132 5.87 -35.29 -23.40
CA GLN A 132 6.00 -34.52 -24.64
C GLN A 132 4.83 -34.86 -25.57
N ASP A 133 4.40 -36.15 -25.60
CA ASP A 133 3.29 -36.59 -26.46
C ASP A 133 1.95 -36.08 -25.94
N LEU A 134 1.76 -36.03 -24.61
CA LEU A 134 0.53 -35.46 -24.04
C LEU A 134 0.46 -33.97 -24.40
N ALA A 135 1.58 -33.24 -24.20
CA ALA A 135 1.65 -31.82 -24.54
C ALA A 135 1.36 -31.59 -26.03
N ARG A 136 1.85 -32.50 -26.94
CA ARG A 136 1.59 -32.34 -28.38
C ARG A 136 0.12 -32.50 -28.68
N SER A 137 -0.53 -33.48 -28.02
CA SER A 137 -1.95 -33.72 -28.25
C SER A 137 -2.77 -32.50 -27.83
N TYR A 138 -2.37 -31.83 -26.74
CA TYR A 138 -3.04 -30.59 -26.32
C TYR A 138 -2.61 -29.37 -27.15
N GLY A 139 -1.46 -29.45 -27.85
CA GLY A 139 -0.93 -28.35 -28.64
C GLY A 139 -0.27 -27.30 -27.76
N ILE A 140 0.44 -27.71 -26.70
CA ILE A 140 1.06 -26.74 -25.77
C ILE A 140 2.52 -27.06 -25.50
N PRO A 141 3.30 -26.09 -24.96
CA PRO A 141 4.70 -26.40 -24.58
C PRO A 141 4.79 -27.35 -23.39
N PHE A 142 5.92 -28.09 -23.24
CA PHE A 142 6.23 -29.00 -22.09
C PHE A 142 7.62 -28.60 -21.52
N ILE A 143 7.69 -28.07 -20.31
CA ILE A 143 8.93 -27.62 -19.71
C ILE A 143 9.24 -28.50 -18.51
N GLU A 144 10.42 -29.15 -18.50
CA GLU A 144 10.83 -29.92 -17.33
C GLU A 144 11.42 -28.89 -16.35
N THR A 145 11.10 -29.01 -15.04
CA THR A 145 11.59 -28.08 -14.03
C THR A 145 12.04 -28.77 -12.74
N SER A 146 12.83 -28.06 -11.97
CA SER A 146 13.23 -28.43 -10.64
C SER A 146 13.19 -27.13 -9.84
N ALA A 147 12.25 -27.00 -8.89
CA ALA A 147 12.23 -25.85 -8.00
C ALA A 147 13.47 -25.91 -7.07
N LYS A 148 14.05 -27.10 -6.82
CA LYS A 148 15.23 -27.22 -5.96
C LYS A 148 16.47 -26.61 -6.61
N THR A 149 16.77 -26.96 -7.87
CA THR A 149 17.95 -26.43 -8.55
C THR A 149 17.68 -25.16 -9.41
N ARG A 150 16.39 -24.84 -9.63
CA ARG A 150 15.95 -23.71 -10.46
C ARG A 150 15.93 -24.08 -11.97
N GLN A 151 16.17 -25.36 -12.34
CA GLN A 151 16.11 -25.78 -13.76
C GLN A 151 14.74 -25.47 -14.34
N GLY A 152 14.73 -24.78 -15.47
CA GLY A 152 13.52 -24.45 -16.21
C GLY A 152 12.48 -23.58 -15.53
N VAL A 153 12.73 -23.02 -14.31
CA VAL A 153 11.72 -22.22 -13.60
C VAL A 153 11.32 -20.93 -14.34
N ASP A 154 12.29 -20.04 -14.66
CA ASP A 154 11.98 -18.79 -15.41
C ASP A 154 11.37 -19.16 -16.76
N ASP A 155 11.90 -20.21 -17.39
CA ASP A 155 11.45 -20.72 -18.68
C ASP A 155 10.00 -21.20 -18.67
N ALA A 156 9.55 -21.84 -17.58
CA ALA A 156 8.18 -22.31 -17.46
C ALA A 156 7.20 -21.11 -17.45
N PHE A 157 7.42 -20.10 -16.57
CA PHE A 157 6.56 -18.92 -16.47
C PHE A 157 6.66 -17.98 -17.68
N TYR A 158 7.88 -17.71 -18.17
CA TYR A 158 8.06 -16.81 -19.33
C TYR A 158 7.45 -17.44 -20.57
N THR A 159 7.54 -18.79 -20.72
CA THR A 159 6.91 -19.49 -21.84
C THR A 159 5.39 -19.28 -21.76
N LEU A 160 4.80 -19.36 -20.55
CA LEU A 160 3.36 -19.16 -20.40
C LEU A 160 2.98 -17.72 -20.79
N VAL A 161 3.80 -16.72 -20.43
CA VAL A 161 3.54 -15.31 -20.80
C VAL A 161 3.51 -15.17 -22.32
N ARG A 162 4.47 -15.80 -22.99
CA ARG A 162 4.51 -15.76 -24.45
C ARG A 162 3.27 -16.40 -25.07
N GLU A 163 2.76 -17.50 -24.47
CA GLU A 163 1.54 -18.14 -24.95
C GLU A 163 0.36 -17.17 -24.82
N ILE A 164 0.29 -16.41 -23.71
CA ILE A 164 -0.79 -15.44 -23.50
C ILE A 164 -0.68 -14.30 -24.53
N ARG A 165 0.53 -13.76 -24.76
CA ARG A 165 0.74 -12.66 -25.72
C ARG A 165 0.26 -13.06 -27.12
N LYS A 166 0.63 -14.25 -27.60
CA LYS A 166 0.21 -14.71 -28.92
C LYS A 166 -1.30 -14.87 -28.96
N HIS A 167 -1.89 -15.47 -27.91
CA HIS A 167 -3.33 -15.66 -27.84
C HIS A 167 -4.07 -14.32 -27.83
N GLY B 1 -33.45 1.44 27.39
CA GLY B 1 -33.14 0.17 26.75
C GLY B 1 -31.69 0.06 26.30
N MET B 2 -30.95 -0.94 26.84
CA MET B 2 -29.52 -1.14 26.48
C MET B 2 -29.42 -1.40 25.00
N THR B 3 -28.59 -0.63 24.30
CA THR B 3 -28.43 -0.79 22.87
C THR B 3 -27.63 -2.05 22.59
N GLU B 4 -28.04 -2.76 21.55
CA GLU B 4 -27.39 -3.96 21.07
C GLU B 4 -26.76 -3.61 19.75
N TYR B 5 -25.51 -3.98 19.56
CA TYR B 5 -24.79 -3.76 18.31
C TYR B 5 -24.52 -5.12 17.66
N LYS B 6 -25.05 -5.34 16.45
CA LYS B 6 -24.86 -6.58 15.69
C LYS B 6 -23.62 -6.41 14.82
N LEU B 7 -22.52 -7.10 15.17
CA LEU B 7 -21.24 -7.06 14.44
C LEU B 7 -21.03 -8.37 13.68
N VAL B 8 -20.49 -8.29 12.47
CA VAL B 8 -20.24 -9.49 11.67
C VAL B 8 -18.76 -9.50 11.37
N VAL B 9 -18.06 -10.61 11.70
CA VAL B 9 -16.63 -10.77 11.45
C VAL B 9 -16.50 -11.54 10.14
N VAL B 10 -15.87 -10.92 9.11
CA VAL B 10 -15.70 -11.54 7.79
C VAL B 10 -14.22 -11.53 7.38
N GLY B 11 -13.89 -12.33 6.38
CA GLY B 11 -12.52 -12.46 5.89
C GLY B 11 -12.25 -13.88 5.41
N ALA B 12 -11.13 -14.06 4.69
CA ALA B 12 -10.75 -15.36 4.14
C ALA B 12 -10.60 -16.42 5.23
N VAL B 13 -10.77 -17.71 4.87
CA VAL B 13 -10.61 -18.79 5.85
C VAL B 13 -9.14 -18.79 6.33
N GLY B 14 -8.92 -18.88 7.62
CA GLY B 14 -7.58 -18.94 8.21
C GLY B 14 -6.98 -17.63 8.69
N VAL B 15 -7.67 -16.48 8.47
CA VAL B 15 -7.13 -15.18 8.88
C VAL B 15 -7.15 -14.95 10.39
N GLY B 16 -7.99 -15.68 11.11
CA GLY B 16 -8.10 -15.59 12.57
C GLY B 16 -9.39 -14.96 13.06
N LYS B 17 -10.48 -15.09 12.28
CA LYS B 17 -11.78 -14.53 12.70
C LYS B 17 -12.25 -15.15 14.03
N SER B 18 -12.23 -16.48 14.13
CA SER B 18 -12.67 -17.16 15.35
C SER B 18 -11.70 -16.91 16.51
N ALA B 19 -10.39 -16.92 16.24
CA ALA B 19 -9.42 -16.63 17.31
C ALA B 19 -9.63 -15.21 17.86
N LEU B 20 -9.86 -14.20 16.99
CA LEU B 20 -10.13 -12.84 17.47
C LEU B 20 -11.41 -12.81 18.32
N THR B 21 -12.50 -13.43 17.83
CA THR B 21 -13.78 -13.39 18.55
C THR B 21 -13.68 -14.10 19.90
N ILE B 22 -13.07 -15.29 19.94
CA ILE B 22 -12.92 -16.02 21.19
C ILE B 22 -11.98 -15.26 22.13
N GLN B 23 -10.96 -14.57 21.62
CA GLN B 23 -10.06 -13.74 22.45
C GLN B 23 -10.87 -12.60 23.11
N LEU B 24 -11.74 -11.94 22.34
CA LEU B 24 -12.58 -10.88 22.87
C LEU B 24 -13.54 -11.40 23.96
N ILE B 25 -14.25 -12.51 23.68
CA ILE B 25 -15.28 -13.00 24.58
C ILE B 25 -14.73 -13.77 25.79
N GLN B 26 -13.81 -14.70 25.55
CA GLN B 26 -13.30 -15.60 26.57
C GLN B 26 -11.88 -15.31 27.05
N ASN B 27 -11.19 -14.31 26.52
CA ASN B 27 -9.84 -13.94 26.97
C ASN B 27 -8.82 -15.11 26.94
N HIS B 28 -8.80 -15.87 25.84
CA HIS B 28 -7.80 -16.93 25.64
C HIS B 28 -7.63 -17.24 24.14
N PHE B 29 -6.42 -17.70 23.76
CA PHE B 29 -6.08 -18.00 22.37
C PHE B 29 -6.30 -19.46 22.01
N VAL B 30 -7.08 -19.73 20.94
CA VAL B 30 -7.34 -21.07 20.42
C VAL B 30 -6.39 -21.34 19.21
N ASP B 31 -5.87 -22.59 19.06
CA ASP B 31 -4.95 -22.94 17.98
C ASP B 31 -5.60 -23.71 16.83
N GLU B 32 -6.40 -24.74 17.14
CA GLU B 32 -7.02 -25.59 16.11
C GLU B 32 -8.53 -25.50 16.18
N TYR B 33 -9.05 -24.27 16.08
CA TYR B 33 -10.50 -24.07 16.10
C TYR B 33 -11.04 -24.46 14.73
N ASP B 34 -12.09 -25.31 14.72
CA ASP B 34 -12.68 -25.83 13.49
C ASP B 34 -12.98 -24.72 12.43
N PRO B 35 -12.33 -24.77 11.24
CA PRO B 35 -12.57 -23.70 10.26
C PRO B 35 -13.99 -23.60 9.69
N THR B 36 -14.82 -24.64 9.84
CA THR B 36 -16.16 -24.66 9.26
C THR B 36 -17.26 -24.16 10.20
N ILE B 37 -16.98 -23.99 11.52
CA ILE B 37 -18.07 -23.60 12.46
C ILE B 37 -18.33 -22.10 12.46
N GLU B 38 -19.60 -21.75 12.26
CA GLU B 38 -20.12 -20.40 12.28
C GLU B 38 -20.93 -20.31 13.58
N ASP B 39 -20.67 -19.29 14.43
CA ASP B 39 -21.39 -19.17 15.70
C ASP B 39 -21.56 -17.69 16.09
N CYS B 40 -22.47 -17.44 17.04
CA CYS B 40 -22.78 -16.12 17.57
C CYS B 40 -22.30 -16.04 19.01
N TYR B 41 -21.82 -14.85 19.39
CA TYR B 41 -21.35 -14.59 20.74
C TYR B 41 -21.91 -13.27 21.24
N ARG B 42 -22.05 -13.15 22.55
CA ARG B 42 -22.51 -11.92 23.15
C ARG B 42 -21.62 -11.53 24.29
N LYS B 43 -21.46 -10.22 24.44
CA LYS B 43 -20.68 -9.67 25.52
C LYS B 43 -21.20 -8.29 25.84
N GLN B 44 -21.47 -8.04 27.12
CA GLN B 44 -21.89 -6.73 27.56
C GLN B 44 -20.62 -5.98 27.89
N VAL B 45 -20.50 -4.76 27.38
CA VAL B 45 -19.30 -3.94 27.58
C VAL B 45 -19.68 -2.47 27.79
N VAL B 46 -18.74 -1.68 28.34
CA VAL B 46 -18.88 -0.24 28.49
C VAL B 46 -17.92 0.37 27.46
N ILE B 47 -18.43 1.24 26.58
CA ILE B 47 -17.61 1.91 25.58
C ILE B 47 -17.93 3.39 25.67
N ASP B 48 -16.91 4.21 26.01
CA ASP B 48 -17.06 5.65 26.19
C ASP B 48 -18.19 5.97 27.18
N GLY B 49 -18.14 5.31 28.33
CA GLY B 49 -19.11 5.45 29.41
C GLY B 49 -20.52 4.97 29.13
N GLU B 50 -20.73 4.15 28.08
CA GLU B 50 -22.07 3.67 27.74
C GLU B 50 -22.09 2.15 27.72
N THR B 51 -23.00 1.53 28.50
CA THR B 51 -23.12 0.07 28.53
C THR B 51 -23.91 -0.36 27.30
N CYS B 52 -23.40 -1.37 26.62
CA CYS B 52 -24.06 -1.90 25.43
C CYS B 52 -23.76 -3.39 25.31
N LEU B 53 -24.53 -4.06 24.46
CA LEU B 53 -24.36 -5.50 24.24
C LEU B 53 -23.85 -5.70 22.83
N LEU B 54 -22.74 -6.41 22.70
CA LEU B 54 -22.21 -6.77 21.39
C LEU B 54 -22.78 -8.12 21.05
N ASP B 55 -23.35 -8.27 19.85
CA ASP B 55 -23.89 -9.53 19.34
C ASP B 55 -23.02 -9.78 18.10
N ILE B 56 -22.04 -10.70 18.22
CA ILE B 56 -21.04 -10.95 17.17
C ILE B 56 -21.28 -12.23 16.41
N LEU B 57 -21.36 -12.15 15.06
CA LEU B 57 -21.47 -13.31 14.20
C LEU B 57 -20.08 -13.60 13.67
N ASP B 58 -19.58 -14.78 13.95
CA ASP B 58 -18.26 -15.21 13.53
C ASP B 58 -18.47 -16.08 12.26
N THR B 59 -18.35 -15.47 11.05
CA THR B 59 -18.70 -16.18 9.81
C THR B 59 -17.69 -17.25 9.44
N ALA B 60 -18.18 -18.33 8.81
CA ALA B 60 -17.32 -19.44 8.37
C ALA B 60 -18.12 -20.29 7.30
N GLY B 61 -17.51 -21.31 6.73
CA GLY B 61 -18.19 -22.17 5.77
C GLY B 61 -18.05 -21.65 4.38
N GLN B 62 -18.68 -22.36 3.46
CA GLN B 62 -18.61 -22.01 2.07
C GLN B 62 -19.36 -20.72 1.76
N GLU B 63 -18.89 -20.13 0.69
CA GLU B 63 -19.42 -18.88 0.11
C GLU B 63 -20.85 -19.25 -0.39
N GLU B 64 -21.86 -18.41 -0.11
CA GLU B 64 -23.24 -18.70 -0.53
C GLU B 64 -23.96 -17.41 -0.80
N TYR B 65 -24.44 -17.22 -2.05
CA TYR B 65 -25.17 -16.01 -2.43
C TYR B 65 -26.66 -16.29 -2.58
N SER B 66 -27.26 -16.83 -1.53
CA SER B 66 -28.70 -17.10 -1.53
C SER B 66 -29.47 -15.87 -1.00
N ALA B 67 -30.77 -15.75 -1.32
CA ALA B 67 -31.58 -14.64 -0.79
C ALA B 67 -31.57 -14.64 0.76
N MET B 68 -31.58 -15.85 1.34
CA MET B 68 -31.57 -16.08 2.79
C MET B 68 -30.25 -15.65 3.41
N ARG B 69 -29.10 -16.04 2.83
CA ARG B 69 -27.80 -15.67 3.38
C ARG B 69 -27.63 -14.14 3.31
N ASP B 70 -28.01 -13.54 2.17
CA ASP B 70 -27.98 -12.08 1.98
C ASP B 70 -28.85 -11.38 3.06
N GLN B 71 -30.08 -11.87 3.29
CA GLN B 71 -30.97 -11.30 4.32
C GLN B 71 -30.33 -11.38 5.69
N TYR B 72 -29.67 -12.50 6.02
CA TYR B 72 -29.05 -12.68 7.33
C TYR B 72 -27.87 -11.69 7.54
N MET B 73 -27.02 -11.51 6.52
CA MET B 73 -25.90 -10.56 6.62
C MET B 73 -26.46 -9.10 6.66
N ARG B 74 -27.60 -8.85 6.00
CA ARG B 74 -28.28 -7.55 6.01
C ARG B 74 -28.64 -7.12 7.46
N THR B 75 -28.81 -8.09 8.39
CA THR B 75 -29.09 -7.79 9.80
C THR B 75 -27.86 -7.18 10.52
N GLY B 76 -26.65 -7.44 10.01
CA GLY B 76 -25.44 -6.87 10.59
C GLY B 76 -25.43 -5.35 10.48
N GLU B 77 -25.01 -4.67 11.56
CA GLU B 77 -24.91 -3.20 11.60
C GLU B 77 -23.51 -2.72 11.29
N GLY B 78 -22.49 -3.50 11.66
CA GLY B 78 -21.09 -3.18 11.41
C GLY B 78 -20.30 -4.42 11.06
N PHE B 79 -19.25 -4.28 10.24
CA PHE B 79 -18.48 -5.45 9.77
C PHE B 79 -16.98 -5.30 10.06
N LEU B 80 -16.35 -6.33 10.65
CA LEU B 80 -14.89 -6.36 10.87
C LEU B 80 -14.37 -7.13 9.66
N CYS B 81 -13.64 -6.47 8.77
CA CYS B 81 -13.07 -7.11 7.58
C CYS B 81 -11.63 -7.48 7.87
N VAL B 82 -11.41 -8.76 8.16
CA VAL B 82 -10.11 -9.26 8.61
C VAL B 82 -9.28 -9.89 7.49
N PHE B 83 -7.98 -9.56 7.45
CA PHE B 83 -7.00 -10.21 6.57
C PHE B 83 -5.79 -10.58 7.46
N ALA B 84 -4.91 -11.42 6.96
CA ALA B 84 -3.71 -11.85 7.68
C ALA B 84 -2.54 -11.14 7.08
N ILE B 85 -1.73 -10.54 7.92
CA ILE B 85 -0.56 -9.80 7.44
C ILE B 85 0.48 -10.70 6.73
N ASN B 86 0.43 -12.04 6.93
CA ASN B 86 1.36 -12.98 6.27
C ASN B 86 0.71 -13.68 5.05
N ASN B 87 -0.43 -13.17 4.55
CA ASN B 87 -1.10 -13.79 3.40
C ASN B 87 -1.66 -12.69 2.51
N THR B 88 -0.95 -12.38 1.43
CA THR B 88 -1.35 -11.33 0.50
C THR B 88 -2.73 -11.55 -0.11
N LYS B 89 -3.09 -12.80 -0.44
CA LYS B 89 -4.41 -13.07 -1.03
C LYS B 89 -5.54 -12.67 -0.07
N SER B 90 -5.39 -12.93 1.26
CA SER B 90 -6.42 -12.52 2.24
C SER B 90 -6.63 -11.00 2.20
N PHE B 91 -5.55 -10.24 1.95
CA PHE B 91 -5.61 -8.79 1.84
C PHE B 91 -6.32 -8.38 0.53
N GLU B 92 -5.97 -9.04 -0.59
CA GLU B 92 -6.61 -8.78 -1.88
C GLU B 92 -8.10 -9.15 -1.84
N ASP B 93 -8.47 -10.19 -1.09
CA ASP B 93 -9.86 -10.60 -0.93
C ASP B 93 -10.73 -9.52 -0.25
N ILE B 94 -10.11 -8.59 0.52
CA ILE B 94 -10.89 -7.57 1.23
C ILE B 94 -11.82 -6.78 0.29
N HIS B 95 -11.37 -6.49 -0.94
CA HIS B 95 -12.19 -5.78 -1.92
C HIS B 95 -13.54 -6.53 -2.15
N HIS B 96 -13.46 -7.85 -2.33
CA HIS B 96 -14.64 -8.68 -2.55
C HIS B 96 -15.60 -8.62 -1.35
N TYR B 97 -15.07 -8.80 -0.10
CA TYR B 97 -15.91 -8.75 1.11
C TYR B 97 -16.60 -7.38 1.22
N ARG B 98 -15.85 -6.27 1.03
CA ARG B 98 -16.46 -4.92 1.09
C ARG B 98 -17.57 -4.78 0.02
N GLU B 99 -17.33 -5.24 -1.22
CA GLU B 99 -18.35 -5.14 -2.25
C GLU B 99 -19.62 -5.96 -1.89
N GLN B 100 -19.46 -7.13 -1.26
CA GLN B 100 -20.62 -7.94 -0.84
C GLN B 100 -21.42 -7.23 0.25
N ILE B 101 -20.71 -6.59 1.19
CA ILE B 101 -21.35 -5.82 2.26
C ILE B 101 -22.14 -4.65 1.65
N LYS B 102 -21.50 -3.88 0.75
CA LYS B 102 -22.18 -2.75 0.09
C LYS B 102 -23.41 -3.21 -0.70
N ARG B 103 -23.33 -4.36 -1.35
CA ARG B 103 -24.42 -4.90 -2.14
C ARG B 103 -25.64 -5.23 -1.27
N VAL B 104 -25.46 -5.98 -0.16
CA VAL B 104 -26.60 -6.40 0.67
C VAL B 104 -27.12 -5.26 1.54
N LYS B 105 -26.25 -4.36 1.99
CA LYS B 105 -26.69 -3.21 2.78
C LYS B 105 -27.12 -2.05 1.87
N ASP B 109 -21.74 3.80 2.69
CA ASP B 109 -21.23 4.26 3.99
C ASP B 109 -21.64 3.30 5.12
N VAL B 110 -21.33 2.01 4.99
CA VAL B 110 -21.68 1.00 5.98
C VAL B 110 -20.60 0.99 7.08
N PRO B 111 -20.94 0.97 8.39
CA PRO B 111 -19.87 0.89 9.41
C PRO B 111 -18.97 -0.33 9.22
N MET B 112 -17.66 -0.09 9.13
CA MET B 112 -16.70 -1.13 8.82
C MET B 112 -15.30 -0.79 9.34
N VAL B 113 -14.54 -1.80 9.72
CA VAL B 113 -13.17 -1.63 10.17
C VAL B 113 -12.28 -2.67 9.48
N LEU B 114 -11.14 -2.23 8.95
CA LEU B 114 -10.17 -3.11 8.35
C LEU B 114 -9.25 -3.62 9.49
N VAL B 115 -9.03 -4.92 9.56
CA VAL B 115 -8.22 -5.52 10.62
C VAL B 115 -7.09 -6.39 10.04
N GLY B 116 -5.86 -6.09 10.40
CA GLY B 116 -4.70 -6.84 9.94
C GLY B 116 -4.28 -7.74 11.07
N ASN B 117 -4.69 -9.00 11.02
CA ASN B 117 -4.42 -9.95 12.09
C ASN B 117 -3.12 -10.70 11.90
N LYS B 118 -2.58 -11.27 13.01
CA LYS B 118 -1.32 -12.04 13.08
C LYS B 118 -0.08 -11.12 13.09
N SER B 119 -0.20 -9.91 13.68
CA SER B 119 0.91 -8.94 13.77
C SER B 119 2.13 -9.48 14.54
N ASP B 120 1.93 -10.52 15.36
CA ASP B 120 3.03 -11.14 16.08
C ASP B 120 3.99 -11.86 15.12
N LEU B 121 3.49 -12.39 13.99
CA LEU B 121 4.32 -13.16 13.08
C LEU B 121 5.39 -12.34 12.38
N PRO B 122 6.60 -12.92 12.23
CA PRO B 122 7.67 -12.19 11.52
C PRO B 122 7.57 -12.27 10.01
N SER B 123 6.89 -13.30 9.46
CA SER B 123 6.78 -13.52 8.01
C SER B 123 5.75 -12.59 7.34
N ARG B 124 5.83 -11.29 7.62
CA ARG B 124 4.90 -10.32 7.05
C ARG B 124 5.06 -10.19 5.53
N THR B 125 3.94 -10.19 4.81
CA THR B 125 3.93 -9.96 3.36
C THR B 125 3.08 -8.74 2.98
N VAL B 126 2.21 -8.23 3.90
CA VAL B 126 1.39 -7.04 3.68
C VAL B 126 1.94 -5.92 4.60
N ASP B 127 2.46 -4.79 4.07
N ASP B 127 2.45 -4.79 4.07
CA ASP B 127 2.94 -3.74 4.99
CA ASP B 127 2.90 -3.71 4.96
C ASP B 127 1.79 -2.90 5.52
C ASP B 127 1.72 -2.98 5.59
N THR B 128 1.98 -2.39 6.74
CA THR B 128 0.99 -1.61 7.47
C THR B 128 0.53 -0.39 6.68
N LYS B 129 1.47 0.30 6.05
CA LYS B 129 1.14 1.47 5.27
C LYS B 129 0.24 1.14 4.06
N GLN B 130 0.43 -0.01 3.40
CA GLN B 130 -0.42 -0.46 2.29
C GLN B 130 -1.87 -0.67 2.82
N ALA B 131 -2.01 -1.31 3.97
CA ALA B 131 -3.31 -1.51 4.60
C ALA B 131 -3.95 -0.15 5.03
N GLN B 132 -3.15 0.75 5.63
CA GLN B 132 -3.61 2.08 6.04
C GLN B 132 -4.12 2.87 4.83
N ASP B 133 -3.46 2.74 3.65
CA ASP B 133 -3.89 3.45 2.43
C ASP B 133 -5.18 2.84 1.84
N LEU B 134 -5.35 1.50 1.92
CA LEU B 134 -6.58 0.87 1.45
C LEU B 134 -7.75 1.38 2.33
N ALA B 135 -7.53 1.36 3.66
CA ALA B 135 -8.53 1.84 4.62
C ALA B 135 -8.89 3.31 4.35
N ARG B 136 -7.86 4.12 4.04
CA ARG B 136 -8.02 5.54 3.70
C ARG B 136 -8.89 5.77 2.42
N SER B 137 -8.75 4.88 1.42
CA SER B 137 -9.53 4.93 0.18
C SER B 137 -10.99 4.55 0.45
N TYR B 138 -11.24 3.59 1.35
CA TYR B 138 -12.60 3.22 1.75
C TYR B 138 -13.21 4.22 2.75
N GLY B 139 -12.37 5.02 3.42
CA GLY B 139 -12.82 5.97 4.44
C GLY B 139 -13.16 5.27 5.74
N ILE B 140 -12.36 4.26 6.15
CA ILE B 140 -12.62 3.50 7.38
C ILE B 140 -11.37 3.38 8.27
N PRO B 141 -11.52 3.04 9.55
CA PRO B 141 -10.32 2.80 10.38
C PRO B 141 -9.57 1.51 10.01
N PHE B 142 -8.34 1.43 10.47
CA PHE B 142 -7.54 0.23 10.31
C PHE B 142 -6.93 -0.08 11.67
N ILE B 143 -7.02 -1.34 12.09
CA ILE B 143 -6.44 -1.78 13.35
C ILE B 143 -5.62 -3.04 13.16
N GLU B 144 -4.35 -3.04 13.61
CA GLU B 144 -3.53 -4.26 13.57
C GLU B 144 -3.88 -5.03 14.80
N THR B 145 -4.08 -6.32 14.67
CA THR B 145 -4.44 -7.19 15.78
C THR B 145 -3.53 -8.44 15.85
N SER B 146 -3.62 -9.12 16.98
CA SER B 146 -2.95 -10.40 17.16
C SER B 146 -3.78 -11.14 18.14
N ALA B 147 -4.62 -12.08 17.68
CA ALA B 147 -5.44 -12.88 18.57
C ALA B 147 -4.53 -13.69 19.54
N LYS B 148 -3.28 -13.99 19.17
CA LYS B 148 -2.37 -14.74 20.02
C LYS B 148 -1.95 -13.93 21.25
N THR B 149 -1.47 -12.69 21.06
CA THR B 149 -1.02 -11.84 22.17
C THR B 149 -2.12 -10.92 22.74
N ARG B 150 -3.25 -10.76 22.02
CA ARG B 150 -4.35 -9.89 22.36
C ARG B 150 -4.11 -8.41 21.93
N GLN B 151 -2.95 -8.07 21.32
CA GLN B 151 -2.72 -6.68 20.88
C GLN B 151 -3.81 -6.24 19.86
N GLY B 152 -4.45 -5.10 20.14
CA GLY B 152 -5.52 -4.48 19.35
C GLY B 152 -6.87 -5.16 19.28
N VAL B 153 -7.09 -6.29 20.01
CA VAL B 153 -8.36 -7.02 19.92
C VAL B 153 -9.57 -6.18 20.41
N ASP B 154 -9.52 -5.69 21.67
CA ASP B 154 -10.61 -4.83 22.19
C ASP B 154 -10.76 -3.59 21.28
N ASP B 155 -9.62 -3.01 20.88
CA ASP B 155 -9.63 -1.83 20.04
C ASP B 155 -10.34 -2.07 18.69
N ALA B 156 -10.14 -3.25 18.05
CA ALA B 156 -10.77 -3.53 16.77
C ALA B 156 -12.31 -3.51 16.88
N PHE B 157 -12.87 -4.24 17.86
CA PHE B 157 -14.32 -4.32 18.07
C PHE B 157 -14.90 -3.00 18.59
N TYR B 158 -14.21 -2.36 19.55
CA TYR B 158 -14.70 -1.09 20.10
C TYR B 158 -14.69 0.00 19.04
N THR B 159 -13.68 0.00 18.15
CA THR B 159 -13.63 0.96 17.05
C THR B 159 -14.85 0.76 16.14
N LEU B 160 -15.22 -0.51 15.87
CA LEU B 160 -16.38 -0.76 15.01
C LEU B 160 -17.66 -0.26 15.68
N VAL B 161 -17.79 -0.42 16.99
CA VAL B 161 -18.97 0.10 17.73
C VAL B 161 -19.06 1.62 17.59
N ARG B 162 -17.91 2.31 17.70
CA ARG B 162 -17.90 3.77 17.53
C ARG B 162 -18.34 4.17 16.13
N GLU B 163 -17.94 3.40 15.10
CA GLU B 163 -18.36 3.67 13.73
C GLU B 163 -19.87 3.52 13.59
N ILE B 164 -20.47 2.52 14.26
CA ILE B 164 -21.93 2.31 14.22
C ILE B 164 -22.63 3.48 14.92
N ARG B 165 -22.15 3.89 16.10
CA ARG B 165 -22.75 5.01 16.86
C ARG B 165 -22.77 6.30 16.02
N LYS B 166 -21.65 6.59 15.37
CA LYS B 166 -21.49 7.76 14.49
C LYS B 166 -22.49 7.70 13.32
N HIS B 167 -22.61 6.53 12.69
CA HIS B 167 -23.52 6.29 11.57
C HIS B 167 -24.99 6.37 12.00
N GLY C 1 18.16 6.36 -39.20
CA GLY C 1 18.34 7.48 -38.31
C GLY C 1 18.17 7.09 -36.85
N MET C 2 19.21 7.33 -36.01
CA MET C 2 19.15 7.00 -34.57
C MET C 2 18.02 7.77 -33.89
N THR C 3 17.13 7.04 -33.22
CA THR C 3 16.00 7.64 -32.53
C THR C 3 16.48 8.33 -31.25
N GLU C 4 15.88 9.49 -30.98
CA GLU C 4 16.12 10.28 -29.79
C GLU C 4 14.90 10.19 -28.89
N TYR C 5 15.11 10.00 -27.58
CA TYR C 5 14.02 9.95 -26.60
C TYR C 5 14.15 11.13 -25.66
N LYS C 6 13.15 12.01 -25.61
CA LYS C 6 13.14 13.19 -24.73
C LYS C 6 12.48 12.79 -23.40
N LEU C 7 13.28 12.66 -22.32
CA LEU C 7 12.81 12.27 -20.98
C LEU C 7 12.81 13.46 -20.03
N VAL C 8 11.82 13.57 -19.16
CA VAL C 8 11.77 14.68 -18.20
C VAL C 8 11.75 14.06 -16.80
N VAL C 9 12.64 14.50 -15.91
CA VAL C 9 12.71 13.99 -14.54
C VAL C 9 11.97 15.00 -13.65
N VAL C 10 10.88 14.58 -12.97
CA VAL C 10 10.06 15.45 -12.10
C VAL C 10 9.93 14.84 -10.68
N GLY C 11 9.53 15.67 -9.71
CA GLY C 11 9.37 15.26 -8.31
C GLY C 11 9.69 16.40 -7.36
N ALA C 12 9.34 16.22 -6.09
CA ALA C 12 9.56 17.24 -5.07
C ALA C 12 11.03 17.60 -4.93
N VAL C 13 11.31 18.82 -4.43
CA VAL C 13 12.68 19.26 -4.25
C VAL C 13 13.36 18.33 -3.19
N GLY C 14 14.57 17.90 -3.48
CA GLY C 14 15.31 17.07 -2.55
C GLY C 14 15.18 15.55 -2.72
N VAL C 15 14.28 15.08 -3.64
CA VAL C 15 14.10 13.62 -3.83
C VAL C 15 15.29 12.92 -4.50
N GLY C 16 16.13 13.67 -5.20
CA GLY C 16 17.31 13.12 -5.87
C GLY C 16 17.22 13.12 -7.38
N LYS C 17 16.44 14.06 -7.96
CA LYS C 17 16.34 14.11 -9.45
C LYS C 17 17.71 14.39 -10.11
N SER C 18 18.42 15.41 -9.62
CA SER C 18 19.74 15.75 -10.17
C SER C 18 20.75 14.64 -9.89
N ALA C 19 20.75 14.04 -8.68
CA ALA C 19 21.68 12.96 -8.35
C ALA C 19 21.43 11.78 -9.27
N LEU C 20 20.14 11.40 -9.51
CA LEU C 20 19.87 10.29 -10.42
C LEU C 20 20.37 10.57 -11.84
N THR C 21 20.10 11.78 -12.37
CA THR C 21 20.50 12.11 -13.74
C THR C 21 22.03 12.15 -13.89
N ILE C 22 22.72 12.78 -12.95
CA ILE C 22 24.19 12.84 -13.00
C ILE C 22 24.79 11.43 -12.81
N GLN C 23 24.16 10.57 -12.01
CA GLN C 23 24.61 9.18 -11.85
C GLN C 23 24.51 8.44 -13.20
N LEU C 24 23.38 8.61 -13.90
CA LEU C 24 23.20 7.98 -15.20
C LEU C 24 24.24 8.46 -16.22
N ILE C 25 24.43 9.79 -16.32
CA ILE C 25 25.30 10.36 -17.36
C ILE C 25 26.78 10.27 -17.03
N GLN C 26 27.18 10.65 -15.82
CA GLN C 26 28.57 10.74 -15.42
C GLN C 26 29.07 9.66 -14.49
N ASN C 27 28.23 8.71 -14.08
CA ASN C 27 28.65 7.60 -13.21
C ASN C 27 29.34 8.05 -11.90
N HIS C 28 28.76 9.04 -11.20
CA HIS C 28 29.26 9.47 -9.89
C HIS C 28 28.14 10.16 -9.09
N PHE C 29 28.21 10.07 -7.75
CA PHE C 29 27.21 10.60 -6.85
C PHE C 29 27.51 12.03 -6.38
N VAL C 30 26.54 12.97 -6.60
CA VAL C 30 26.63 14.39 -6.16
C VAL C 30 25.75 14.66 -4.92
N ASP C 31 26.16 15.63 -4.12
CA ASP C 31 25.53 15.90 -2.86
C ASP C 31 25.05 17.34 -2.58
N GLU C 32 25.86 18.33 -2.91
CA GLU C 32 25.52 19.73 -2.64
C GLU C 32 25.12 20.39 -3.95
N TYR C 33 24.45 19.64 -4.87
CA TYR C 33 24.08 20.16 -6.18
C TYR C 33 22.96 21.17 -6.00
N ASP C 34 23.15 22.36 -6.53
CA ASP C 34 22.21 23.48 -6.37
C ASP C 34 20.74 23.07 -6.66
N PRO C 35 19.84 23.18 -5.65
CA PRO C 35 18.45 22.73 -5.89
C PRO C 35 17.65 23.53 -6.92
N THR C 36 18.11 24.73 -7.30
CA THR C 36 17.36 25.60 -8.23
C THR C 36 17.80 25.44 -9.70
N ILE C 37 18.97 24.83 -9.97
CA ILE C 37 19.47 24.70 -11.34
C ILE C 37 18.77 23.59 -12.13
N GLU C 38 18.42 23.89 -13.37
CA GLU C 38 17.84 22.98 -14.32
C GLU C 38 18.84 22.84 -15.46
N ASP C 39 18.95 21.63 -15.99
CA ASP C 39 19.84 21.42 -17.14
C ASP C 39 19.39 20.21 -17.97
N CYS C 40 19.93 20.10 -19.20
CA CYS C 40 19.66 19.03 -20.12
C CYS C 40 20.94 18.19 -20.29
N TYR C 41 20.75 16.88 -20.46
CA TYR C 41 21.88 15.97 -20.64
C TYR C 41 21.59 15.00 -21.79
N ARG C 42 22.63 14.52 -22.49
CA ARG C 42 22.50 13.53 -23.58
C ARG C 42 23.46 12.36 -23.37
N LYS C 43 22.94 11.14 -23.65
CA LYS C 43 23.68 9.91 -23.54
C LYS C 43 23.21 8.93 -24.59
N GLN C 44 24.15 8.35 -25.36
CA GLN C 44 23.83 7.35 -26.34
C GLN C 44 23.90 6.01 -25.62
N VAL C 45 22.87 5.19 -25.78
CA VAL C 45 22.79 3.89 -25.12
C VAL C 45 22.17 2.83 -26.04
N VAL C 46 22.36 1.55 -25.71
CA VAL C 46 21.75 0.42 -26.43
C VAL C 46 20.68 -0.12 -25.48
N ILE C 47 19.44 -0.21 -25.94
CA ILE C 47 18.34 -0.74 -25.14
C ILE C 47 17.63 -1.79 -25.99
N ASP C 48 17.65 -3.07 -25.54
CA ASP C 48 17.06 -4.18 -26.27
C ASP C 48 17.60 -4.25 -27.70
N GLY C 49 18.93 -4.21 -27.80
CA GLY C 49 19.65 -4.27 -29.08
C GLY C 49 19.46 -3.08 -30.01
N GLU C 50 18.95 -1.94 -29.51
CA GLU C 50 18.73 -0.77 -30.37
C GLU C 50 19.48 0.41 -29.81
N THR C 51 20.35 1.04 -30.63
CA THR C 51 21.10 2.22 -30.21
C THR C 51 20.17 3.41 -30.31
N CYS C 52 20.13 4.22 -29.26
CA CYS C 52 19.30 5.41 -29.22
C CYS C 52 19.98 6.49 -28.38
N LEU C 53 19.49 7.71 -28.50
CA LEU C 53 20.03 8.84 -27.76
C LEU C 53 18.99 9.29 -26.75
N LEU C 54 19.38 9.37 -25.50
CA LEU C 54 18.50 9.90 -24.44
C LEU C 54 18.80 11.38 -24.32
N ASP C 55 17.76 12.20 -24.31
CA ASP C 55 17.86 13.65 -24.13
C ASP C 55 17.04 13.91 -22.84
N ILE C 56 17.71 14.13 -21.72
CA ILE C 56 17.07 14.22 -20.39
C ILE C 56 16.99 15.64 -19.84
N LEU C 57 15.81 16.11 -19.41
CA LEU C 57 15.62 17.40 -18.74
C LEU C 57 15.52 17.14 -17.23
N ASP C 58 16.46 17.72 -16.46
CA ASP C 58 16.48 17.58 -15.00
C ASP C 58 15.72 18.80 -14.46
N THR C 59 14.43 18.69 -14.07
CA THR C 59 13.64 19.87 -13.66
C THR C 59 13.90 20.35 -12.21
N ALA C 60 13.49 21.57 -11.85
CA ALA C 60 13.66 22.09 -10.49
C ALA C 60 12.66 23.20 -10.20
N MET C 68 7.33 28.76 -19.79
CA MET C 68 8.53 28.06 -20.24
C MET C 68 8.50 26.55 -19.84
N ARG C 69 8.29 26.24 -18.55
CA ARG C 69 8.22 24.87 -18.03
C ARG C 69 7.20 24.05 -18.83
N ASP C 70 6.01 24.62 -19.06
CA ASP C 70 4.95 23.96 -19.82
C ASP C 70 5.41 23.62 -21.24
N GLN C 71 6.19 24.48 -21.89
CA GLN C 71 6.65 24.18 -23.25
C GLN C 71 7.64 23.04 -23.27
N TYR C 72 8.60 23.01 -22.32
CA TYR C 72 9.57 21.92 -22.19
C TYR C 72 8.86 20.57 -21.88
N MET C 73 7.82 20.60 -21.04
CA MET C 73 7.07 19.42 -20.63
C MET C 73 6.25 18.87 -21.82
N ARG C 74 5.71 19.76 -22.64
CA ARG C 74 4.97 19.40 -23.86
C ARG C 74 5.91 18.66 -24.81
N THR C 75 7.15 19.17 -24.95
CA THR C 75 8.21 18.56 -25.76
C THR C 75 8.63 17.16 -25.21
N GLY C 76 8.52 16.96 -23.91
CA GLY C 76 8.90 15.70 -23.29
C GLY C 76 8.03 14.56 -23.76
N GLU C 77 8.65 13.40 -24.04
CA GLU C 77 7.94 12.17 -24.47
C GLU C 77 7.66 11.23 -23.28
N GLY C 78 8.48 11.28 -22.24
CA GLY C 78 8.32 10.43 -21.07
C GLY C 78 8.74 11.10 -19.79
N PHE C 79 8.17 10.68 -18.67
CA PHE C 79 8.41 11.31 -17.38
C PHE C 79 8.81 10.34 -16.32
N LEU C 80 9.88 10.65 -15.63
CA LEU C 80 10.31 9.86 -14.47
C LEU C 80 9.72 10.65 -13.30
N CYS C 81 8.74 10.07 -12.59
CA CYS C 81 8.12 10.71 -11.42
C CYS C 81 8.79 10.17 -10.16
N VAL C 82 9.70 10.97 -9.61
CA VAL C 82 10.53 10.56 -8.49
C VAL C 82 10.00 11.03 -7.13
N PHE C 83 9.98 10.12 -6.18
CA PHE C 83 9.76 10.44 -4.79
C PHE C 83 10.96 9.80 -4.01
N ALA C 84 11.07 10.12 -2.72
CA ALA C 84 12.11 9.56 -1.88
C ALA C 84 11.42 8.68 -0.86
N ILE C 85 11.98 7.49 -0.68
CA ILE C 85 11.38 6.49 0.21
C ILE C 85 11.39 6.90 1.71
N ASN C 86 12.20 7.91 2.09
CA ASN C 86 12.22 8.41 3.49
C ASN C 86 11.42 9.72 3.66
N ASN C 87 10.57 10.08 2.67
CA ASN C 87 9.78 11.30 2.76
C ASN C 87 8.39 11.04 2.20
N THR C 88 7.42 10.81 3.10
CA THR C 88 6.05 10.53 2.72
C THR C 88 5.43 11.63 1.86
N LYS C 89 5.69 12.91 2.16
CA LYS C 89 5.10 14.00 1.38
C LYS C 89 5.55 13.92 -0.09
N SER C 90 6.83 13.58 -0.37
CA SER C 90 7.30 13.44 -1.76
C SER C 90 6.47 12.37 -2.50
N PHE C 91 6.06 11.30 -1.78
CA PHE C 91 5.25 10.23 -2.33
C PHE C 91 3.82 10.72 -2.58
N GLU C 92 3.22 11.45 -1.62
CA GLU C 92 1.89 12.04 -1.76
C GLU C 92 1.86 13.06 -2.91
N ASP C 93 2.95 13.82 -3.09
CA ASP C 93 3.06 14.80 -4.17
C ASP C 93 2.97 14.16 -5.58
N ILE C 94 3.28 12.86 -5.70
CA ILE C 94 3.26 12.18 -7.01
C ILE C 94 1.92 12.37 -7.74
N HIS C 95 0.80 12.33 -7.02
CA HIS C 95 -0.52 12.55 -7.63
C HIS C 95 -0.57 13.89 -8.39
N HIS C 96 -0.04 14.96 -7.77
CA HIS C 96 -0.05 16.29 -8.39
C HIS C 96 0.86 16.37 -9.62
N TYR C 97 2.03 15.73 -9.57
CA TYR C 97 2.92 15.70 -10.74
C TYR C 97 2.24 14.94 -11.90
N ARG C 98 1.66 13.75 -11.62
CA ARG C 98 0.95 12.99 -12.67
C ARG C 98 -0.19 13.83 -13.27
N GLU C 99 -1.00 14.50 -12.44
CA GLU C 99 -2.10 15.33 -12.95
C GLU C 99 -1.58 16.50 -13.82
N GLN C 100 -0.45 17.12 -13.45
CA GLN C 100 0.13 18.20 -14.26
C GLN C 100 0.61 17.68 -15.62
N ILE C 101 1.22 16.48 -15.62
CA ILE C 101 1.68 15.84 -16.86
C ILE C 101 0.48 15.56 -17.77
N LYS C 102 -0.59 14.94 -17.21
CA LYS C 102 -1.79 14.65 -17.99
C LYS C 102 -2.40 15.92 -18.55
N ARG C 103 -2.41 17.00 -17.78
CA ARG C 103 -2.94 18.28 -18.22
C ARG C 103 -2.19 18.87 -19.41
N VAL C 104 -0.83 19.01 -19.32
CA VAL C 104 -0.04 19.61 -20.41
C VAL C 104 0.04 18.69 -21.65
N LYS C 105 0.13 17.36 -21.46
CA LYS C 105 0.17 16.40 -22.57
C LYS C 105 -1.25 16.08 -23.11
N ASP C 106 -2.34 16.51 -22.41
CA ASP C 106 -3.73 16.27 -22.81
C ASP C 106 -3.98 14.79 -23.11
N SER C 107 -3.50 13.92 -22.22
CA SER C 107 -3.58 12.48 -22.43
C SER C 107 -3.61 11.75 -21.09
N GLU C 108 -4.31 10.62 -21.07
CA GLU C 108 -4.44 9.74 -19.90
C GLU C 108 -3.40 8.60 -19.94
N ASP C 109 -2.71 8.37 -21.09
CA ASP C 109 -1.73 7.29 -21.26
C ASP C 109 -0.37 7.86 -21.69
N VAL C 110 0.18 8.77 -20.88
CA VAL C 110 1.50 9.36 -21.16
C VAL C 110 2.59 8.43 -20.65
N PRO C 111 3.67 8.11 -21.42
CA PRO C 111 4.74 7.25 -20.85
C PRO C 111 5.30 7.80 -19.54
N MET C 112 5.29 6.96 -18.51
CA MET C 112 5.67 7.40 -17.18
C MET C 112 6.16 6.23 -16.33
N VAL C 113 7.11 6.51 -15.43
CA VAL C 113 7.64 5.51 -14.51
C VAL C 113 7.70 6.14 -13.11
N LEU C 114 7.22 5.39 -12.13
CA LEU C 114 7.29 5.82 -10.75
C LEU C 114 8.66 5.35 -10.22
N VAL C 115 9.40 6.25 -9.55
CA VAL C 115 10.73 5.93 -9.04
C VAL C 115 10.82 6.23 -7.55
N GLY C 116 11.10 5.24 -6.73
CA GLY C 116 11.31 5.41 -5.29
C GLY C 116 12.81 5.49 -5.03
N ASN C 117 13.36 6.71 -5.03
CA ASN C 117 14.79 6.92 -4.82
C ASN C 117 15.22 6.87 -3.34
N LYS C 118 16.54 6.77 -3.09
CA LYS C 118 17.11 6.72 -1.75
C LYS C 118 16.90 5.37 -1.08
N SER C 119 16.85 4.27 -1.87
CA SER C 119 16.65 2.93 -1.29
C SER C 119 17.80 2.45 -0.42
N ASP C 120 18.91 3.18 -0.38
CA ASP C 120 20.06 2.84 0.47
C ASP C 120 19.81 3.22 1.94
N LEU C 121 18.90 4.19 2.19
CA LEU C 121 18.64 4.66 3.55
C LEU C 121 17.81 3.71 4.39
N PRO C 122 18.16 3.58 5.67
CA PRO C 122 17.37 2.71 6.56
C PRO C 122 16.08 3.36 7.07
N SER C 123 16.01 4.71 7.10
CA SER C 123 14.85 5.45 7.63
C SER C 123 13.65 5.48 6.66
N ARG C 124 13.27 4.33 6.13
CA ARG C 124 12.16 4.24 5.19
C ARG C 124 10.83 4.59 5.83
N THR C 125 10.03 5.41 5.16
CA THR C 125 8.67 5.76 5.60
C THR C 125 7.61 5.37 4.55
N VAL C 126 8.02 5.09 3.27
CA VAL C 126 7.12 4.66 2.21
C VAL C 126 7.43 3.16 1.91
N ASP C 127 6.46 2.22 2.08
CA ASP C 127 6.77 0.83 1.73
C ASP C 127 6.78 0.61 0.23
N THR C 128 7.52 -0.40 -0.15
CA THR C 128 7.63 -0.78 -1.56
C THR C 128 6.28 -1.21 -2.11
N LYS C 129 5.53 -1.96 -1.30
CA LYS C 129 4.23 -2.47 -1.73
C LYS C 129 3.21 -1.31 -1.93
N GLN C 130 3.25 -0.29 -1.08
CA GLN C 130 2.39 0.91 -1.21
C GLN C 130 2.71 1.61 -2.55
N ALA C 131 4.00 1.77 -2.88
CA ALA C 131 4.42 2.37 -4.14
C ALA C 131 4.00 1.47 -5.35
N GLN C 132 4.20 0.15 -5.23
CA GLN C 132 3.82 -0.81 -6.28
C GLN C 132 2.31 -0.73 -6.56
N ASP C 133 1.48 -0.56 -5.50
CA ASP C 133 0.02 -0.45 -5.65
C ASP C 133 -0.40 0.89 -6.27
N LEU C 134 0.29 1.99 -5.95
CA LEU C 134 0.00 3.28 -6.60
C LEU C 134 0.32 3.17 -8.10
N ALA C 135 1.49 2.60 -8.41
CA ALA C 135 1.92 2.39 -9.81
C ALA C 135 0.90 1.51 -10.55
N ARG C 136 0.40 0.46 -9.87
CA ARG C 136 -0.61 -0.47 -10.40
C ARG C 136 -1.94 0.25 -10.73
N SER C 137 -2.35 1.26 -9.92
CA SER C 137 -3.56 2.07 -10.14
C SER C 137 -3.38 3.00 -11.33
N TYR C 138 -2.17 3.55 -11.52
CA TYR C 138 -1.86 4.37 -12.69
C TYR C 138 -1.60 3.54 -13.95
N GLY C 139 -1.28 2.26 -13.80
CA GLY C 139 -0.95 1.37 -14.92
C GLY C 139 0.45 1.60 -15.43
N ILE C 140 1.43 1.88 -14.53
CA ILE C 140 2.80 2.17 -14.94
C ILE C 140 3.81 1.32 -14.18
N PRO C 141 5.08 1.20 -14.64
CA PRO C 141 6.09 0.50 -13.84
C PRO C 141 6.52 1.27 -12.60
N PHE C 142 7.17 0.54 -11.67
CA PHE C 142 7.74 1.13 -10.48
C PHE C 142 9.18 0.62 -10.35
N ILE C 143 10.13 1.51 -10.16
CA ILE C 143 11.52 1.12 -9.96
C ILE C 143 12.10 1.75 -8.73
N GLU C 144 12.69 0.95 -7.82
CA GLU C 144 13.37 1.52 -6.63
C GLU C 144 14.76 1.84 -7.09
N THR C 145 15.29 2.98 -6.72
CA THR C 145 16.62 3.39 -7.12
C THR C 145 17.41 3.90 -5.94
N SER C 146 18.71 4.10 -6.15
CA SER C 146 19.56 4.83 -5.22
C SER C 146 20.62 5.48 -6.04
N ALA C 147 20.58 6.81 -6.12
CA ALA C 147 21.61 7.54 -6.84
C ALA C 147 22.97 7.38 -6.13
N LYS C 148 23.00 7.12 -4.81
CA LYS C 148 24.23 6.95 -4.07
C LYS C 148 24.97 5.65 -4.48
N THR C 149 24.28 4.50 -4.46
CA THR C 149 24.90 3.22 -4.80
C THR C 149 24.76 2.82 -6.29
N ARG C 150 23.89 3.54 -7.05
CA ARG C 150 23.58 3.27 -8.45
C ARG C 150 22.50 2.15 -8.60
N GLN C 151 21.89 1.67 -7.51
CA GLN C 151 20.83 0.64 -7.61
C GLN C 151 19.68 1.15 -8.50
N GLY C 152 19.28 0.34 -9.46
CA GLY C 152 18.15 0.65 -10.34
C GLY C 152 18.21 1.89 -11.20
N VAL C 153 19.36 2.62 -11.24
CA VAL C 153 19.43 3.88 -12.00
C VAL C 153 19.25 3.66 -13.50
N ASP C 154 20.09 2.78 -14.11
CA ASP C 154 19.95 2.45 -15.53
C ASP C 154 18.54 1.88 -15.79
N ASP C 155 18.08 0.98 -14.91
CA ASP C 155 16.78 0.39 -15.05
C ASP C 155 15.62 1.41 -15.06
N ALA C 156 15.69 2.48 -14.23
CA ALA C 156 14.63 3.47 -14.18
C ALA C 156 14.47 4.18 -15.56
N PHE C 157 15.58 4.69 -16.11
CA PHE C 157 15.57 5.38 -17.39
C PHE C 157 15.28 4.44 -18.57
N TYR C 158 15.87 3.23 -18.55
CA TYR C 158 15.63 2.26 -19.64
C TYR C 158 14.19 1.80 -19.66
N THR C 159 13.58 1.64 -18.46
CA THR C 159 12.17 1.26 -18.38
C THR C 159 11.30 2.35 -19.02
N LEU C 160 11.64 3.63 -18.77
CA LEU C 160 10.86 4.73 -19.34
C LEU C 160 10.99 4.72 -20.87
N VAL C 161 12.17 4.42 -21.40
CA VAL C 161 12.37 4.33 -22.86
C VAL C 161 11.46 3.25 -23.44
N ARG C 162 11.38 2.10 -22.77
CA ARG C 162 10.52 1.01 -23.23
C ARG C 162 9.04 1.43 -23.23
N GLU C 163 8.62 2.22 -22.24
CA GLU C 163 7.26 2.73 -22.20
C GLU C 163 6.98 3.66 -23.39
N ILE C 164 7.97 4.51 -23.76
CA ILE C 164 7.81 5.40 -24.89
C ILE C 164 7.73 4.57 -26.20
N ARG C 165 8.62 3.58 -26.38
CA ARG C 165 8.62 2.72 -27.59
C ARG C 165 7.25 2.04 -27.78
N LYS C 166 6.70 1.50 -26.69
CA LYS C 166 5.39 0.84 -26.68
C LYS C 166 4.27 1.83 -27.09
N HIS C 167 4.30 3.04 -26.51
CA HIS C 167 3.34 4.11 -26.80
C HIS C 167 3.45 4.63 -28.24
N LYS C 168 4.66 4.66 -28.82
CA LYS C 168 4.83 5.15 -30.21
C LYS C 168 4.25 4.18 -31.23
N GLY D 1 -18.40 6.80 7.93
CA GLY D 1 -17.10 6.94 7.23
C GLY D 1 -16.14 7.72 8.10
N MET D 2 -14.94 7.16 8.41
CA MET D 2 -13.95 7.80 9.26
C MET D 2 -13.54 9.15 8.69
N THR D 3 -13.76 10.21 9.47
CA THR D 3 -13.39 11.55 9.07
C THR D 3 -11.87 11.72 9.16
N GLU D 4 -11.33 12.43 8.18
CA GLU D 4 -9.93 12.78 8.11
C GLU D 4 -9.83 14.25 8.36
N TYR D 5 -8.83 14.66 9.18
CA TYR D 5 -8.60 16.05 9.52
C TYR D 5 -7.24 16.48 8.99
N LYS D 6 -7.23 17.40 8.06
CA LYS D 6 -5.98 17.89 7.48
C LYS D 6 -5.51 19.07 8.35
N LEU D 7 -4.45 18.86 9.14
CA LEU D 7 -3.86 19.88 10.03
C LEU D 7 -2.54 20.36 9.43
N VAL D 8 -2.27 21.66 9.51
CA VAL D 8 -1.03 22.24 9.02
C VAL D 8 -0.34 22.89 10.20
N VAL D 9 0.92 22.49 10.46
CA VAL D 9 1.70 23.05 11.56
C VAL D 9 2.56 24.15 10.92
N VAL D 10 2.37 25.42 11.36
CA VAL D 10 3.10 26.58 10.83
C VAL D 10 3.78 27.35 11.98
N GLY D 11 4.74 28.18 11.61
CA GLY D 11 5.51 28.97 12.55
C GLY D 11 6.94 29.18 12.04
N ALA D 12 7.66 30.11 12.68
CA ALA D 12 9.04 30.43 12.31
C ALA D 12 9.96 29.20 12.44
N VAL D 13 11.09 29.21 11.72
CA VAL D 13 12.04 28.09 11.80
C VAL D 13 12.60 28.02 13.23
N GLY D 14 12.71 26.82 13.76
CA GLY D 14 13.30 26.59 15.08
C GLY D 14 12.34 26.60 16.27
N VAL D 15 11.05 26.87 16.01
CA VAL D 15 10.08 26.94 17.13
C VAL D 15 9.68 25.58 17.69
N GLY D 16 9.93 24.50 16.94
CA GLY D 16 9.66 23.13 17.39
C GLY D 16 8.50 22.46 16.67
N LYS D 17 8.19 22.90 15.44
CA LYS D 17 7.07 22.30 14.68
C LYS D 17 7.32 20.78 14.45
N SER D 18 8.52 20.41 13.99
CA SER D 18 8.84 19.01 13.75
C SER D 18 8.91 18.21 15.03
N ALA D 19 9.50 18.80 16.12
CA ALA D 19 9.60 18.11 17.40
C ALA D 19 8.17 17.82 17.95
N LEU D 20 7.23 18.75 17.83
CA LEU D 20 5.86 18.53 18.31
C LEU D 20 5.15 17.47 17.50
N THR D 21 5.33 17.52 16.17
CA THR D 21 4.69 16.53 15.31
C THR D 21 5.25 15.13 15.55
N ILE D 22 6.58 14.99 15.62
CA ILE D 22 7.21 13.69 15.89
C ILE D 22 6.84 13.20 17.30
N GLN D 23 6.72 14.09 18.27
CA GLN D 23 6.29 13.71 19.63
C GLN D 23 4.87 13.12 19.59
N LEU D 24 3.95 13.78 18.86
CA LEU D 24 2.60 13.28 18.72
C LEU D 24 2.54 11.91 18.03
N ILE D 25 3.25 11.75 16.90
CA ILE D 25 3.18 10.53 16.10
C ILE D 25 4.00 9.38 16.67
N GLN D 26 5.26 9.64 17.02
CA GLN D 26 6.19 8.60 17.44
C GLN D 26 6.53 8.58 18.93
N ASN D 27 5.96 9.47 19.74
CA ASN D 27 6.17 9.46 21.20
C ASN D 27 7.68 9.49 21.61
N HIS D 28 8.45 10.37 20.99
CA HIS D 28 9.85 10.58 21.36
C HIS D 28 10.35 11.96 20.92
N PHE D 29 11.38 12.39 21.62
CA PHE D 29 12.09 13.62 21.37
C PHE D 29 13.57 13.27 21.30
N VAL D 30 14.23 13.71 20.23
CA VAL D 30 15.66 13.55 20.00
C VAL D 30 16.11 14.81 19.28
N ASP D 31 17.15 15.48 19.78
CA ASP D 31 17.64 16.71 19.15
C ASP D 31 18.42 16.43 17.82
N GLU D 32 17.72 16.10 16.71
CA GLU D 32 18.38 15.87 15.40
C GLU D 32 17.43 16.14 14.21
N TYR D 33 16.53 17.10 14.37
CA TYR D 33 15.57 17.42 13.31
C TYR D 33 16.19 18.35 12.22
N ASP D 34 16.24 17.91 10.96
CA ASP D 34 16.68 18.77 9.85
C ASP D 34 15.68 19.94 9.65
N PRO D 35 16.13 21.21 9.78
CA PRO D 35 15.18 22.32 9.63
C PRO D 35 14.55 22.51 8.27
N THR D 36 15.13 21.94 7.20
CA THR D 36 14.65 22.16 5.83
C THR D 36 13.64 21.13 5.35
N ILE D 37 13.53 19.98 6.03
CA ILE D 37 12.61 18.95 5.61
C ILE D 37 11.14 19.26 5.96
N GLU D 38 10.26 19.19 4.94
CA GLU D 38 8.80 19.31 5.07
C GLU D 38 8.26 17.87 4.84
N ASP D 39 7.37 17.37 5.73
CA ASP D 39 6.82 16.02 5.59
C ASP D 39 5.39 15.93 6.15
N CYS D 40 4.68 14.85 5.77
CA CYS D 40 3.32 14.57 6.19
C CYS D 40 3.31 13.37 7.10
N TYR D 41 2.41 13.38 8.08
CA TYR D 41 2.27 12.27 9.02
C TYR D 41 0.79 11.96 9.21
N ARG D 42 0.51 10.71 9.56
CA ARG D 42 -0.84 10.29 9.84
C ARG D 42 -0.90 9.55 11.12
N LYS D 43 -2.02 9.71 11.82
CA LYS D 43 -2.26 9.01 13.05
C LYS D 43 -3.74 8.87 13.23
N GLN D 44 -4.19 7.64 13.52
CA GLN D 44 -5.59 7.39 13.79
C GLN D 44 -5.74 7.53 15.29
N VAL D 45 -6.72 8.32 15.72
CA VAL D 45 -6.94 8.62 17.14
C VAL D 45 -8.43 8.66 17.46
N VAL D 46 -8.77 8.53 18.75
CA VAL D 46 -10.15 8.65 19.24
C VAL D 46 -10.19 9.98 20.00
N ILE D 47 -11.12 10.87 19.60
CA ILE D 47 -11.27 12.17 20.24
C ILE D 47 -12.75 12.30 20.58
N ASP D 48 -13.07 12.41 21.89
CA ASP D 48 -14.45 12.51 22.37
C ASP D 48 -15.31 11.34 21.84
N GLY D 49 -14.78 10.13 21.99
CA GLY D 49 -15.42 8.90 21.57
C GLY D 49 -15.59 8.70 20.07
N GLU D 50 -14.86 9.48 19.24
CA GLU D 50 -14.98 9.36 17.78
C GLU D 50 -13.61 9.07 17.17
N THR D 51 -13.53 7.97 16.40
CA THR D 51 -12.28 7.61 15.74
C THR D 51 -12.14 8.50 14.51
N CYS D 52 -10.96 9.07 14.33
CA CYS D 52 -10.67 9.92 13.18
C CYS D 52 -9.20 9.78 12.79
N LEU D 53 -8.87 10.25 11.59
CA LEU D 53 -7.50 10.19 11.10
C LEU D 53 -6.98 11.58 10.99
N LEU D 54 -5.83 11.84 11.63
CA LEU D 54 -5.17 13.13 11.54
C LEU D 54 -4.19 13.01 10.39
N ASP D 55 -4.20 13.97 9.47
CA ASP D 55 -3.26 14.05 8.36
C ASP D 55 -2.54 15.38 8.60
N ILE D 56 -1.30 15.32 9.12
CA ILE D 56 -0.55 16.51 9.56
C ILE D 56 0.56 16.90 8.60
N LEU D 57 0.57 18.16 8.12
CA LEU D 57 1.66 18.69 7.28
C LEU D 57 2.60 19.49 8.20
N ASP D 58 3.87 19.12 8.28
CA ASP D 58 4.87 19.80 9.11
C ASP D 58 5.64 20.72 8.15
N THR D 59 5.23 22.00 8.10
CA THR D 59 5.82 22.91 7.11
C THR D 59 7.26 23.27 7.46
N ALA D 60 8.09 23.52 6.40
CA ALA D 60 9.49 23.90 6.61
C ALA D 60 10.07 24.58 5.39
N ASP D 70 0.02 28.34 -2.24
CA ASP D 70 -1.27 28.82 -1.77
C ASP D 70 -2.35 27.72 -1.89
N GLN D 71 -2.45 27.06 -3.06
CA GLN D 71 -3.45 26.00 -3.25
C GLN D 71 -3.20 24.81 -2.33
N TYR D 72 -1.92 24.50 -2.05
CA TYR D 72 -1.60 23.39 -1.17
C TYR D 72 -1.99 23.70 0.30
N MET D 73 -1.70 24.93 0.77
CA MET D 73 -2.09 25.40 2.10
C MET D 73 -3.62 25.56 2.24
N ARG D 74 -4.31 25.82 1.11
CA ARG D 74 -5.78 25.90 1.02
C ARG D 74 -6.43 24.52 1.36
N THR D 75 -5.70 23.41 1.15
CA THR D 75 -6.20 22.07 1.47
C THR D 75 -6.28 21.84 2.99
N GLY D 76 -5.50 22.59 3.78
CA GLY D 76 -5.54 22.47 5.23
C GLY D 76 -6.88 22.90 5.79
N GLU D 77 -7.41 22.15 6.77
CA GLU D 77 -8.67 22.45 7.45
C GLU D 77 -8.45 23.20 8.76
N GLY D 78 -7.35 22.92 9.44
CA GLY D 78 -7.04 23.55 10.73
C GLY D 78 -5.56 23.80 10.86
N PHE D 79 -5.18 24.91 11.52
CA PHE D 79 -3.79 25.35 11.59
C PHE D 79 -3.26 25.49 12.98
N LEU D 80 -2.10 24.84 13.29
CA LEU D 80 -1.43 24.99 14.58
C LEU D 80 -0.42 26.10 14.31
N CYS D 81 -0.61 27.28 14.92
CA CYS D 81 0.32 28.41 14.75
C CYS D 81 1.26 28.44 15.95
N VAL D 82 2.48 27.94 15.74
CA VAL D 82 3.46 27.76 16.78
C VAL D 82 4.50 28.88 16.86
N PHE D 83 4.71 29.36 18.09
CA PHE D 83 5.84 30.21 18.41
C PHE D 83 6.56 29.52 19.60
N ALA D 84 7.78 29.94 19.90
CA ALA D 84 8.58 29.44 21.01
C ALA D 84 8.59 30.58 22.07
N ILE D 85 8.25 30.23 23.30
CA ILE D 85 8.16 31.19 24.41
C ILE D 85 9.50 31.90 24.72
N ASN D 86 10.65 31.37 24.22
CA ASN D 86 11.95 32.02 24.41
C ASN D 86 12.41 32.79 23.17
N ASN D 87 11.50 33.07 22.21
CA ASN D 87 11.88 33.82 21.01
C ASN D 87 10.74 34.77 20.65
N THR D 88 10.91 36.05 21.01
CA THR D 88 9.89 37.07 20.77
C THR D 88 9.56 37.23 19.30
N LYS D 89 10.59 37.12 18.42
CA LYS D 89 10.40 37.24 16.98
C LYS D 89 9.37 36.22 16.47
N SER D 90 9.46 34.98 16.93
CA SER D 90 8.54 33.92 16.53
C SER D 90 7.10 34.27 16.91
N PHE D 91 6.92 34.94 18.08
CA PHE D 91 5.61 35.36 18.55
C PHE D 91 5.07 36.50 17.67
N GLU D 92 5.92 37.50 17.36
CA GLU D 92 5.55 38.61 16.47
C GLU D 92 5.18 38.12 15.06
N ASP D 93 5.86 37.06 14.59
CA ASP D 93 5.59 36.47 13.29
C ASP D 93 4.18 35.87 13.20
N ILE D 94 3.56 35.48 14.34
CA ILE D 94 2.24 34.85 14.33
C ILE D 94 1.20 35.66 13.55
N HIS D 95 1.24 37.00 13.65
CA HIS D 95 0.32 37.86 12.90
C HIS D 95 0.41 37.57 11.39
N HIS D 96 1.64 37.47 10.87
CA HIS D 96 1.87 37.21 9.47
C HIS D 96 1.29 35.85 9.05
N TYR D 97 1.58 34.77 9.83
CA TYR D 97 1.06 33.42 9.53
C TYR D 97 -0.47 33.43 9.52
N ARG D 98 -1.13 34.04 10.54
CA ARG D 98 -2.59 34.13 10.56
C ARG D 98 -3.12 34.87 9.33
N GLU D 99 -2.51 36.00 8.95
CA GLU D 99 -2.95 36.75 7.77
C GLU D 99 -2.81 35.92 6.49
N GLN D 100 -1.75 35.12 6.36
CA GLN D 100 -1.58 34.26 5.18
C GLN D 100 -2.65 33.18 5.13
N ILE D 101 -3.00 32.60 6.29
CA ILE D 101 -4.05 31.58 6.39
C ILE D 101 -5.39 32.21 5.98
N LYS D 102 -5.73 33.38 6.54
CA LYS D 102 -6.98 34.06 6.20
C LYS D 102 -7.06 34.39 4.71
N ARG D 103 -5.93 34.80 4.11
CA ARG D 103 -5.87 35.14 2.70
C ARG D 103 -6.19 33.94 1.81
N VAL D 104 -5.51 32.79 2.01
CA VAL D 104 -5.70 31.62 1.15
C VAL D 104 -7.02 30.90 1.42
N LYS D 105 -7.48 30.88 2.67
CA LYS D 105 -8.76 30.27 3.01
C LYS D 105 -9.93 31.24 2.76
N ASP D 106 -9.67 32.55 2.49
CA ASP D 106 -10.71 33.56 2.23
C ASP D 106 -11.77 33.57 3.33
N SER D 107 -11.31 33.52 4.59
CA SER D 107 -12.21 33.43 5.73
C SER D 107 -11.57 34.06 6.96
N GLU D 108 -12.41 34.63 7.82
CA GLU D 108 -12.02 35.26 9.07
C GLU D 108 -12.15 34.29 10.26
N ASP D 109 -12.84 33.12 10.08
CA ASP D 109 -13.08 32.14 11.14
C ASP D 109 -12.52 30.76 10.74
N VAL D 110 -11.22 30.70 10.43
CA VAL D 110 -10.56 29.44 10.04
C VAL D 110 -10.17 28.68 11.31
N PRO D 111 -10.43 27.35 11.46
CA PRO D 111 -9.97 26.64 12.68
C PRO D 111 -8.47 26.80 12.91
N MET D 112 -8.12 27.26 14.11
CA MET D 112 -6.74 27.59 14.42
C MET D 112 -6.48 27.53 15.92
N VAL D 113 -5.25 27.15 16.31
CA VAL D 113 -4.84 27.12 17.70
C VAL D 113 -3.46 27.78 17.82
N LEU D 114 -3.30 28.67 18.79
CA LEU D 114 -2.05 29.32 19.07
C LEU D 114 -1.28 28.38 20.04
N VAL D 115 -0.01 28.09 19.74
CA VAL D 115 0.78 27.17 20.55
C VAL D 115 2.09 27.82 20.99
N GLY D 116 2.34 27.81 22.30
CA GLY D 116 3.56 28.35 22.89
C GLY D 116 4.45 27.19 23.27
N ASN D 117 5.40 26.83 22.36
CA ASN D 117 6.28 25.69 22.57
C ASN D 117 7.54 25.99 23.39
N LYS D 118 8.25 24.96 23.86
CA LYS D 118 9.48 25.09 24.66
C LYS D 118 9.15 25.62 26.06
N SER D 119 8.00 25.23 26.61
N SER D 119 7.99 25.24 26.61
CA SER D 119 7.58 25.67 27.94
CA SER D 119 7.57 25.69 27.93
C SER D 119 8.47 25.16 29.05
C SER D 119 8.42 25.12 29.08
N ASP D 120 9.28 24.11 28.78
CA ASP D 120 10.22 23.55 29.77
C ASP D 120 11.41 24.51 29.96
N LEU D 121 11.67 25.46 29.03
CA LEU D 121 12.81 26.36 29.16
C LEU D 121 12.61 27.51 30.17
N PRO D 122 13.66 27.84 30.93
CA PRO D 122 13.57 28.94 31.89
C PRO D 122 13.73 30.32 31.26
N SER D 123 14.40 30.42 30.08
CA SER D 123 14.68 31.70 29.42
C SER D 123 13.46 32.27 28.68
N ARG D 124 12.31 32.32 29.35
CA ARG D 124 11.10 32.86 28.74
C ARG D 124 11.22 34.35 28.39
N THR D 125 10.78 34.73 27.20
CA THR D 125 10.73 36.14 26.77
C THR D 125 9.30 36.58 26.39
N VAL D 126 8.36 35.61 26.16
CA VAL D 126 6.97 35.91 25.82
C VAL D 126 6.14 35.53 27.05
N ASP D 127 5.47 36.54 27.63
CA ASP D 127 4.53 36.45 28.78
C ASP D 127 3.26 35.61 28.40
N THR D 128 2.82 34.55 29.20
CA THR D 128 1.61 33.74 28.93
C THR D 128 0.39 34.67 28.72
N LYS D 129 0.29 35.77 29.52
CA LYS D 129 -0.84 36.73 29.44
C LYS D 129 -0.90 37.43 28.07
N GLN D 130 0.27 37.77 27.57
CA GLN D 130 0.42 38.40 26.26
C GLN D 130 -0.09 37.44 25.16
N ALA D 131 0.31 36.16 25.23
CA ALA D 131 -0.15 35.15 24.28
C ALA D 131 -1.67 34.88 24.42
N GLN D 132 -2.18 34.78 25.66
CA GLN D 132 -3.59 34.56 25.93
C GLN D 132 -4.44 35.70 25.36
N ASP D 133 -3.94 36.96 25.46
CA ASP D 133 -4.66 38.12 24.92
C ASP D 133 -4.66 38.13 23.41
N LEU D 134 -3.53 37.72 22.77
CA LEU D 134 -3.48 37.67 21.30
C LEU D 134 -4.51 36.61 20.84
N ALA D 135 -4.50 35.43 21.48
CA ALA D 135 -5.44 34.36 21.16
C ALA D 135 -6.90 34.83 21.33
N ARG D 136 -7.21 35.55 22.42
CA ARG D 136 -8.54 36.09 22.63
C ARG D 136 -8.96 37.04 21.50
N SER D 137 -8.04 37.93 21.03
CA SER D 137 -8.34 38.89 19.95
C SER D 137 -8.66 38.13 18.66
N TYR D 138 -7.96 37.02 18.39
CA TYR D 138 -8.27 36.18 17.23
C TYR D 138 -9.51 35.30 17.45
N GLY D 139 -9.91 35.07 18.70
CA GLY D 139 -11.04 34.21 19.06
C GLY D 139 -10.66 32.74 18.98
N ILE D 140 -9.42 32.37 19.38
CA ILE D 140 -8.97 30.99 19.29
C ILE D 140 -8.36 30.47 20.59
N PRO D 141 -8.22 29.14 20.77
CA PRO D 141 -7.53 28.64 21.97
C PRO D 141 -6.03 28.91 21.96
N PHE D 142 -5.39 28.90 23.15
CA PHE D 142 -3.94 29.03 23.32
C PHE D 142 -3.48 27.87 24.22
N ILE D 143 -2.54 27.03 23.72
CA ILE D 143 -2.03 25.89 24.45
C ILE D 143 -0.51 26.04 24.60
N GLU D 144 0.00 25.97 25.85
CA GLU D 144 1.43 25.98 26.09
C GLU D 144 1.86 24.52 25.95
N THR D 145 2.98 24.26 25.26
CA THR D 145 3.47 22.89 25.07
C THR D 145 5.01 22.79 25.31
N SER D 146 5.49 21.56 25.48
CA SER D 146 6.90 21.25 25.47
C SER D 146 7.03 19.95 24.69
N ALA D 147 7.61 19.95 23.48
CA ALA D 147 7.87 18.73 22.73
C ALA D 147 8.90 17.86 23.50
N LYS D 148 9.76 18.46 24.34
CA LYS D 148 10.76 17.72 25.11
C LYS D 148 10.11 16.84 26.19
N THR D 149 9.21 17.40 27.02
CA THR D 149 8.56 16.66 28.10
C THR D 149 7.20 16.05 27.68
N ARG D 150 6.64 16.48 26.53
CA ARG D 150 5.33 16.06 26.05
C ARG D 150 4.16 16.88 26.68
N GLN D 151 4.46 17.93 27.48
CA GLN D 151 3.41 18.79 28.07
C GLN D 151 2.54 19.39 26.93
N GLY D 152 1.23 19.26 27.07
CA GLY D 152 0.29 19.85 26.15
C GLY D 152 0.32 19.42 24.69
N VAL D 153 1.14 18.41 24.31
CA VAL D 153 1.25 18.00 22.89
C VAL D 153 -0.07 17.42 22.34
N ASP D 154 -0.61 16.35 22.99
CA ASP D 154 -1.88 15.77 22.57
C ASP D 154 -2.99 16.85 22.63
N ASP D 155 -2.98 17.65 23.71
CA ASP D 155 -3.95 18.71 23.87
C ASP D 155 -3.92 19.74 22.74
N ALA D 156 -2.73 20.14 22.24
CA ALA D 156 -2.64 21.14 21.17
C ALA D 156 -3.36 20.62 19.90
N PHE D 157 -3.03 19.38 19.44
CA PHE D 157 -3.61 18.80 18.24
C PHE D 157 -5.08 18.44 18.42
N TYR D 158 -5.45 17.84 19.57
CA TYR D 158 -6.84 17.46 19.82
C TYR D 158 -7.73 18.71 19.92
N THR D 159 -7.22 19.80 20.51
CA THR D 159 -7.96 21.06 20.57
C THR D 159 -8.25 21.55 19.15
N LEU D 160 -7.24 21.46 18.24
CA LEU D 160 -7.44 21.91 16.87
C LEU D 160 -8.52 21.07 16.17
N VAL D 161 -8.54 19.74 16.42
CA VAL D 161 -9.57 18.87 15.84
C VAL D 161 -10.95 19.31 16.31
N ARG D 162 -11.08 19.63 17.60
CA ARG D 162 -12.36 20.10 18.12
C ARG D 162 -12.80 21.40 17.46
N GLU D 163 -11.85 22.30 17.17
CA GLU D 163 -12.16 23.55 16.47
C GLU D 163 -12.68 23.26 15.07
N ILE D 164 -12.09 22.27 14.36
CA ILE D 164 -12.54 21.91 13.02
C ILE D 164 -13.96 21.31 13.10
N ARG D 165 -14.21 20.39 14.06
CA ARG D 165 -15.54 19.77 14.21
C ARG D 165 -16.64 20.82 14.43
N LYS D 166 -16.35 21.79 15.30
CA LYS D 166 -17.25 22.90 15.62
C LYS D 166 -17.54 23.74 14.35
N HIS D 167 -16.50 24.05 13.59
CA HIS D 167 -16.59 24.83 12.35
C HIS D 167 -17.33 24.06 11.25
PB GDP E . 2.45 -28.08 -3.76
O1B GDP E . 2.49 -26.58 -3.48
O2B GDP E . 1.49 -28.82 -2.84
O3B GDP E . 2.21 -28.39 -5.21
O3A GDP E . 3.94 -28.56 -3.39
PA GDP E . 5.09 -27.92 -2.49
O1A GDP E . 4.55 -27.77 -1.13
O2A GDP E . 5.65 -26.74 -3.20
O5' GDP E . 6.21 -29.07 -2.49
C5' GDP E . 5.87 -30.37 -1.97
C4' GDP E . 7.13 -31.07 -1.51
O4' GDP E . 7.96 -31.32 -2.66
C3' GDP E . 8.00 -30.27 -0.54
O3' GDP E . 8.72 -31.10 0.37
C2' GDP E . 9.00 -29.57 -1.47
O2' GDP E . 10.24 -29.24 -0.84
C1' GDP E . 9.21 -30.67 -2.52
N9 GDP E . 9.64 -30.15 -3.83
C8 GDP E . 9.02 -29.19 -4.58
N7 GDP E . 9.61 -28.98 -5.74
C5 GDP E . 10.67 -29.87 -5.75
C6 GDP E . 11.65 -30.13 -6.74
O6 GDP E . 11.73 -29.63 -7.85
N1 GDP E . 12.54 -31.12 -6.36
C2 GDP E . 12.50 -31.79 -5.15
N2 GDP E . 13.46 -32.68 -4.94
N3 GDP E . 11.59 -31.56 -4.22
C4 GDP E . 10.71 -30.59 -4.58
H5' GDP E . 5.48 -30.95 -2.81
H5'' GDP E . 5.05 -30.39 -1.24
H4' GDP E . 6.83 -32.04 -1.12
H3' GDP E . 7.43 -29.60 0.11
HO3' GDP E . 9.39 -30.47 0.70
H2' GDP E . 8.58 -28.67 -1.91
HO2' GDP E . 10.76 -28.95 -1.61
H1' GDP E . 9.93 -31.42 -2.18
H8 GDP E . 8.14 -28.68 -4.23
HN1 GDP E . 13.27 -31.33 -7.04
HN21 GDP E . 14.22 -32.91 -5.58
HN22 GDP E . 13.41 -33.19 -4.05
SAH 2XO F . -5.04 -12.91 -4.83
CAI 2XO F . -4.86 -11.97 -6.37
CAJ 2XO F . -4.48 -13.90 -9.37
NAK 2XO F . -3.95 -13.09 -8.36
CAL 2XO F . -4.98 -12.85 -7.55
NAM 2XO F . -6.11 -13.45 -7.96
CAN 2XO F . -5.82 -14.15 -9.12
CAO 2XO F . -6.59 -14.96 -9.96
CAP 2XO F . -5.97 -15.51 -11.07
CAQ 2XO F . -4.63 -15.27 -11.34
CAR 2XO F . -3.87 -14.46 -10.49
H2 2XO F . -5.65 -11.23 -6.37
H3 2XO F . -3.92 -11.42 -6.39
H5 2XO F . -7.05 -13.36 -7.55
H6 2XO F . -7.64 -15.14 -9.75
H7 2XO F . -6.54 -16.15 -11.74
H8 2XO F . -4.16 -15.71 -12.22
H9 2XO F . -2.81 -14.27 -10.70
MG MG G . 1.43 -25.27 -2.11
C4 LXU H . -8.91 -26.08 -10.62
C5 LXU H . -12.51 -24.95 -10.38
C6 LXU H . -11.29 -26.21 -8.65
C8 LXU H . -9.76 -24.59 -13.17
C13 LXU H . -8.97 -27.46 -10.14
C17 LXU H . -8.83 -29.21 -9.05
C20 LXU H . -8.05 -29.59 -6.74
C21 LXU H . -7.76 -30.41 -5.67
C22 LXU H . -7.96 -31.80 -5.77
C24 LXU H . -8.74 -31.47 -8.04
C1 LXU H . -10.30 -25.53 -10.86
C12 LXU H . -8.31 -24.75 -12.72
C14 LXU H . -8.15 -25.26 -9.56
C19 LXU H . -8.53 -30.10 -7.93
C2 LXU H . -11.34 -25.54 -9.91
C23 LXU H . -8.47 -32.31 -6.97
C3 LXU H . -10.66 -24.88 -12.01
C9 LXU H . -8.14 -26.06 -11.97
N10 LXU H . -13.69 -24.81 -9.75
N11 LXU H . -11.28 -26.78 -7.66
N16 LXU H . -9.28 -29.63 -10.20
N18 LXU H . -8.61 -27.87 -8.98
N25 LXU H . -7.69 -32.64 -4.71
O15 LXU H . -9.41 -28.43 -10.94
S7 LXU H . -12.30 -24.36 -11.99
H27 LXU H . -9.97 -25.29 -13.98
H26 LXU H . -9.91 -23.58 -13.55
H37 LXU H . -7.84 -28.53 -6.64
H38 LXU H . -7.36 -29.99 -4.76
H40 LXU H . -9.14 -31.90 -8.95
H33 LXU H . -7.64 -24.72 -13.58
H32 LXU H . -8.02 -23.89 -12.09
H34 LXU H . -7.14 -25.63 -9.41
H35 LXU H . -8.66 -25.28 -8.59
H36 LXU H . -8.07 -24.21 -9.82
H39 LXU H . -8.67 -33.37 -7.08
H28 LXU H . -8.48 -26.86 -12.62
H29 LXU H . -7.08 -26.25 -11.80
H30 LXU H . -13.87 -25.14 -8.79
H31 LXU H . -14.48 -24.36 -10.21
H41 LXU H . -7.34 -32.26 -3.84
H42 LXU H . -7.83 -33.65 -4.79
PB GDP I . -10.68 -18.22 10.71
O1B GDP I . -11.71 -18.35 11.80
O2B GDP I . -10.83 -19.28 9.64
O3B GDP I . -10.60 -16.82 10.14
O3A GDP I . -9.31 -18.49 11.47
PA GDP I . -8.91 -19.14 12.87
O1A GDP I . -9.39 -18.27 13.96
O2A GDP I . -9.41 -20.54 12.81
O5' GDP I . -7.32 -19.14 12.83
C5' GDP I . -6.65 -19.85 11.77
C4' GDP I . -5.27 -20.23 12.22
O4' GDP I . -4.50 -19.04 12.48
C3' GDP I . -5.21 -21.05 13.53
O3' GDP I . -4.10 -21.94 13.54
C2' GDP I . -5.02 -19.96 14.58
O2' GDP I . -4.43 -20.44 15.79
C1' GDP I . -4.10 -19.01 13.83
N9 GDP I . -4.17 -17.62 14.31
C8 GDP I . -5.29 -16.84 14.46
N7 GDP I . -5.02 -15.62 14.86
C5 GDP I . -3.65 -15.59 14.98
C6 GDP I . -2.76 -14.55 15.38
O6 GDP I . -3.07 -13.39 15.64
N1 GDP I . -1.43 -14.94 15.36
C2 GDP I . -0.99 -16.19 15.01
N2 GDP I . 0.31 -16.42 15.10
N3 GDP I . -1.81 -17.18 14.63
C4 GDP I . -3.10 -16.82 14.65
H5' GDP I . -6.51 -19.11 10.98
H5'' GDP I . -7.21 -20.66 11.29
H4' GDP I . -4.77 -20.75 11.39
H3' GDP I . -6.08 -21.69 13.68
HO3' GDP I . -4.08 -22.16 14.49
H2' GDP I . -5.97 -19.47 14.85
HO2' GDP I . -4.25 -19.59 16.24
H1' GDP I . -3.06 -19.35 13.86
H8 GDP I . -6.28 -17.22 14.24
HN1 GDP I . -0.77 -14.22 15.64
HN21 GDP I . 0.99 -15.73 15.40
HN22 GDP I . 0.63 -17.36 14.85
MG MG J . -13.44 -19.52 12.16
SAH 2XO K . -26.88 -15.71 16.45
CAI 2XO K . -27.81 -14.17 16.24
CAJ 2XO K . -26.52 -11.98 13.69
NAK 2XO K . -27.43 -12.95 14.12
CAL 2XO K . -27.06 -13.24 15.36
NAM 2XO K . -25.97 -12.54 15.76
CAN 2XO K . -25.60 -11.73 14.71
CAO 2XO K . -24.59 -10.78 14.57
CAP 2XO K . -24.53 -10.07 13.37
CAQ 2XO K . -25.45 -10.31 12.35
CAR 2XO K . -26.45 -11.27 12.50
H2 2XO K . -28.76 -14.45 15.78
H3 2XO K . -28.05 -13.70 17.19
H5 2XO K . -25.50 -12.59 16.66
H6 2XO K . -23.88 -10.59 15.36
H7 2XO K . -23.77 -9.31 13.23
H8 2XO K . -25.39 -9.75 11.41
H9 2XO K . -27.16 -11.47 11.69
C4 LXU L . -20.06 -12.52 3.24
C5 LXU L . -23.30 -13.04 1.35
C6 LXU L . -21.50 -14.71 1.56
C8 LXU L . -21.73 -9.96 3.26
C13 LXU L . -19.05 -13.27 2.40
C17 LXU L . -17.73 -14.65 1.63
C20 LXU L . -17.22 -16.93 2.38
C21 LXU L . -16.53 -18.12 2.29
C22 LXU L . -15.56 -18.31 1.29
C24 LXU L . -15.98 -16.05 0.54
C1 LXU L . -21.38 -12.37 2.52
C12 LXU L . -20.58 -10.22 4.21
C14 LXU L . -20.18 -13.34 4.53
C19 LXU L . -16.96 -15.89 1.52
C2 LXU L . -22.07 -13.43 1.85
C23 LXU L . -15.32 -17.25 0.40
C3 LXU L . -22.13 -11.23 2.58
C9 LXU L . -19.52 -11.10 3.54
N10 LXU L . -24.18 -13.77 0.65
N11 LXU L . -21.03 -15.71 1.28
N16 LXU L . -17.53 -13.60 0.86
N18 LXU L . -18.63 -14.46 2.64
N25 LXU L . -14.88 -19.49 1.18
O15 LXU L . -18.45 -12.65 1.39
S7 LXU L . -23.65 -11.40 1.76
H27 LXU L . -21.43 -9.23 2.51
H26 LXU L . -22.57 -9.53 3.82
H37 LXU L . -17.95 -16.82 3.18
H38 LXU L . -16.73 -18.92 2.98
H40 LXU L . -15.79 -15.26 -0.18
H33 LXU L . -20.12 -9.27 4.50
H32 LXU L . -20.93 -10.66 5.14
H34 LXU L . -19.24 -13.39 5.08
H35 LXU L . -20.51 -14.37 4.34
H36 LXU L . -20.92 -12.93 5.21
H39 LXU L . -14.58 -17.36 -0.38
H28 LXU L . -19.22 -10.60 2.61
H29 LXU L . -18.61 -11.15 4.14
H30 LXU L . -24.03 -14.75 0.38
H31 LXU L . -25.06 -13.37 0.33
H41 LXU L . -15.07 -20.26 1.83
H42 LXU L . -14.18 -19.62 0.46
PB GDP M . 16.59 17.19 -6.39
O1B GDP M . 17.44 17.43 -7.61
O2B GDP M . 16.17 18.47 -5.71
O3B GDP M . 15.44 16.24 -6.65
O3A GDP M . 17.59 16.40 -5.40
PA GDP M . 19.18 16.28 -5.34
O1A GDP M . 19.73 17.65 -5.27
O2A GDP M . 19.60 15.42 -6.46
O5' GDP M . 19.42 15.47 -3.97
C5' GDP M . 18.96 16.06 -2.75
C4' GDP M . 19.75 15.51 -1.60
O4' GDP M . 19.49 14.08 -1.48
C3' GDP M . 21.27 15.64 -1.74
O3' GDP M . 21.91 15.75 -0.45
C2' GDP M . 21.66 14.30 -2.37
O2' GDP M . 23.02 13.96 -2.14
C1' GDP M . 20.69 13.36 -1.65
N9 GDP M . 20.40 12.13 -2.40
C8 GDP M . 19.98 12.02 -3.70
N7 GDP M . 19.79 10.78 -4.09
C5 GDP M . 20.11 10.02 -2.97
C6 GDP M . 20.09 8.60 -2.76
O6 GDP M . 19.72 7.74 -3.56
N1 GDP M . 20.48 8.26 -1.48
C2 GDP M . 20.86 9.14 -0.50
N2 GDP M . 21.28 8.64 0.66
N3 GDP M . 20.86 10.47 -0.68
C4 GDP M . 20.48 10.83 -1.93
H5' GDP M . 17.93 15.68 -2.61
H5'' GDP M . 18.85 17.15 -2.75
H4' GDP M . 19.37 15.96 -0.68
H3' GDP M . 21.59 16.53 -2.29
HO3' GDP M . 22.82 15.58 -0.72
H2' GDP M . 21.51 14.31 -3.45
HO2' GDP M . 23.02 13.03 -2.45
H1' GDP M . 21.02 13.10 -0.65
H8 GDP M . 19.83 12.90 -4.32
HN1 GDP M . 20.49 7.26 -1.29
HN21 GDP M . 21.34 7.64 0.86
HN22 GDP M . 21.57 9.30 1.37
MG MG N . 17.92 19.21 -8.67
SAH 2XO O . 17.67 21.45 -23.05
CAI 2XO O . 17.07 20.44 -24.43
CAJ 2XO O . 13.85 18.91 -23.64
NAK 2XO O . 14.61 19.94 -24.19
CAL 2XO O . 15.86 19.53 -24.11
NAM 2XO O . 15.97 18.29 -23.59
CAN 2XO O . 14.68 17.87 -23.28
CAO 2XO O . 14.20 16.72 -22.64
CAP 2XO O . 12.83 16.66 -22.38
CAQ 2XO O . 11.98 17.68 -22.76
CAR 2XO O . 12.47 18.82 -23.39
H2 2XO O . 16.81 21.14 -25.22
H3 2XO O . 17.88 19.82 -24.83
H5 2XO O . 16.82 17.75 -23.46
H6 2XO O . 14.86 15.91 -22.37
H7 2XO O . 12.43 15.78 -21.87
H8 2XO O . 10.91 17.61 -22.57
H9 2XO O . 11.81 19.63 -23.69
PB GDP P . 11.04 23.62 13.53
O1B GDP P . 12.03 24.34 12.63
O2B GDP P . 10.59 22.29 12.97
O3B GDP P . 9.86 24.50 13.94
O3A GDP P . 11.79 23.17 14.87
PA GDP P . 12.45 21.81 15.40
O1A GDP P . 13.48 21.41 14.41
O2A GDP P . 11.36 20.86 15.68
O5' GDP P . 13.18 22.25 16.74
C5' GDP P . 14.18 23.29 16.70
C4' GDP P . 15.09 23.11 17.90
O4' GDP P . 14.33 23.35 19.11
C3' GDP P . 15.71 21.72 18.05
O3' GDP P . 16.99 21.78 18.65
C2' GDP P . 14.73 21.02 19.00
O2' GDP P . 15.31 19.95 19.73
C1' GDP P . 14.36 22.19 19.92
N9 GDP P . 13.05 22.04 20.56
C8 GDP P . 11.84 21.80 19.95
N7 GDP P . 10.83 21.73 20.79
C5 GDP P . 11.41 21.95 22.03
C6 GDP P . 10.83 22.03 23.34
O6 GDP P . 9.64 21.97 23.63
N1 GDP P . 11.76 22.28 24.32
C2 GDP P . 13.11 22.44 24.10
N2 GDP P . 13.87 22.66 25.18
N3 GDP P . 13.68 22.37 22.89
C4 GDP P . 12.77 22.14 21.91
H5' GDP P . 13.65 24.22 16.86
H5'' GDP P . 14.69 23.40 15.75
H4' GDP P . 15.84 23.91 17.84
H3' GDP P . 15.88 21.21 17.10
HO3' GDP P . 17.11 20.84 18.90
H2' GDP P . 13.86 20.64 18.46
HO2' GDP P . 14.61 19.74 20.35
H1' GDP P . 15.12 22.34 20.69
H8 GDP P . 11.76 21.66 18.88
HN1 GDP P . 11.39 22.35 25.26
HN21 GDP P . 13.52 22.70 26.13
HN22 GDP P . 14.87 22.77 24.99
MG MG Q . 10.77 21.36 11.06
SAH 2XO R . 1.56 15.15 2.16
CAI 2XO R . -0.24 14.96 2.20
CAJ 2XO R . -1.61 18.07 3.34
NAK 2XO R . -1.00 17.29 2.37
CAL 2XO R . -0.81 16.11 2.94
NAM 2XO R . -1.24 16.08 4.22
CAN 2XO R . -1.76 17.33 4.51
CAO 2XO R . -2.36 17.86 5.64
CAP 2XO R . -2.83 19.17 5.58
CAQ 2XO R . -2.71 19.91 4.41
CAR 2XO R . -2.09 19.39 3.29
H2 2XO R . -0.59 14.95 1.16
H3 2XO R . -0.55 14.01 2.65
H5 2XO R . -1.19 15.30 4.87
H6 2XO R . -2.47 17.27 6.55
H7 2XO R . -3.29 19.61 6.47
H8 2XO R . -3.10 20.93 4.38
H9 2XO R . -1.97 19.97 2.39
#